data_5W0O
#
_entry.id   5W0O
#
_cell.length_a   66.825
_cell.length_b   80.851
_cell.length_c   181.830
_cell.angle_alpha   90.000
_cell.angle_beta   90.000
_cell.angle_gamma   90.000
#
_symmetry.space_group_name_H-M   'P 21 21 21'
#
loop_
_entity.id
_entity.type
_entity.pdbx_description
1 polymer 'Terminal uridylyltransferase 7'
2 polymer 'double-stranded RNA'
3 non-polymer "URIDINE 5'-TRIPHOSPHATE"
4 water water
#
loop_
_entity_poly.entity_id
_entity_poly.type
_entity_poly.pdbx_seq_one_letter_code
_entity_poly.pdbx_strand_id
1 'polypeptide(L)'
;GAGAGSKRIQLEPLPPLTPKFLNILDQVCIQCYKDFSPTIIEDQAREHIRQNLESFIRQDFPGTKLSLFGSSKNGFGFKQ
SDLDVCMTINGLETAEGLDCVRTIEELARVLRKHSGLRNILPITTAKVPIVKFFHLRSGLEVDISLYNTLALHNTRLLSA
YSAIDPRVKYLCYTMKVFTKMCDIGDASRGSLSSYAYTLMVLYFLQQRNPPVIPVLQEIYKGEKKPEIFVDGWNIYFFDQ
IDELPTYWSECGKNTESVGQLWLGLLRFYTEEFDFKEHVISIRRKSLLTTFKKQWTSKYIVIEDPFDLNHNLGAGLSRKM
TNFIMKAFINGRRVFGIPVKGFPKDYPSKMEYFFDPDVLTEGELAPNDRCCRICGKIGHFMKDCPMRRK
;
A,B
2 'polyribonucleotide' GCGAAGCGCUUCGCU C,D
#
# COMPACT_ATOMS: atom_id res chain seq x y z
N LEU A 11 0.21 -16.97 12.11
CA LEU A 11 -1.05 -17.58 11.73
C LEU A 11 -1.89 -17.92 12.96
N GLU A 12 -3.21 -17.88 12.78
CA GLU A 12 -4.15 -18.17 13.86
C GLU A 12 -4.29 -19.68 14.04
N PRO A 13 -4.46 -20.15 15.28
CA PRO A 13 -4.97 -21.52 15.47
C PRO A 13 -6.36 -21.65 14.87
N LEU A 14 -6.67 -22.83 14.34
CA LEU A 14 -7.97 -23.08 13.77
C LEU A 14 -8.77 -24.02 14.66
N PRO A 15 -10.02 -23.69 14.97
CA PRO A 15 -10.82 -24.59 15.82
C PRO A 15 -11.08 -25.89 15.10
N PRO A 16 -11.32 -26.98 15.86
CA PRO A 16 -11.61 -28.25 15.20
C PRO A 16 -12.83 -28.16 14.30
N LEU A 17 -12.82 -28.95 13.23
CA LEU A 17 -13.94 -29.02 12.30
C LEU A 17 -15.11 -29.75 12.94
N THR A 18 -16.28 -29.13 12.91
CA THR A 18 -17.49 -29.83 13.26
C THR A 18 -17.92 -30.71 12.09
N PRO A 19 -18.67 -31.79 12.34
CA PRO A 19 -19.20 -32.57 11.23
C PRO A 19 -20.05 -31.74 10.28
N LYS A 20 -20.80 -30.78 10.82
CA LYS A 20 -21.80 -30.07 10.04
C LYS A 20 -21.26 -28.86 9.31
N PHE A 21 -20.22 -28.22 9.85
CA PHE A 21 -19.53 -27.20 9.07
C PHE A 21 -18.80 -27.82 7.89
N LEU A 22 -18.41 -29.09 8.02
CA LEU A 22 -17.71 -29.76 6.92
C LEU A 22 -18.68 -30.16 5.82
N ASN A 23 -19.89 -30.58 6.18
CA ASN A 23 -20.91 -30.84 5.19
C ASN A 23 -21.20 -29.59 4.38
N ILE A 24 -21.14 -28.43 5.03
CA ILE A 24 -21.26 -27.16 4.31
C ILE A 24 -20.08 -26.97 3.36
N LEU A 25 -18.85 -27.26 3.82
CA LEU A 25 -17.69 -27.13 2.94
C LEU A 25 -17.82 -28.02 1.71
N ASP A 26 -18.36 -29.23 1.88
CA ASP A 26 -18.51 -30.13 0.75
C ASP A 26 -19.48 -29.58 -0.28
N GLN A 27 -20.65 -29.14 0.18
CA GLN A 27 -21.65 -28.61 -0.74
C GLN A 27 -21.14 -27.36 -1.44
N VAL A 28 -20.41 -26.51 -0.71
CA VAL A 28 -19.94 -25.26 -1.29
C VAL A 28 -18.96 -25.53 -2.42
N CYS A 29 -18.08 -26.51 -2.23
CA CYS A 29 -17.14 -26.87 -3.29
C CYS A 29 -17.87 -27.46 -4.48
N ILE A 30 -18.77 -28.42 -4.23
CA ILE A 30 -19.51 -29.02 -5.33
C ILE A 30 -20.34 -27.96 -6.06
N GLN A 31 -20.88 -27.00 -5.31
CA GLN A 31 -21.67 -25.94 -5.94
C GLN A 31 -20.82 -25.09 -6.88
N CYS A 32 -19.54 -24.92 -6.57
CA CYS A 32 -18.65 -24.20 -7.46
C CYS A 32 -18.56 -24.87 -8.83
N TYR A 33 -18.60 -26.20 -8.85
CA TYR A 33 -18.58 -26.92 -10.12
C TYR A 33 -19.89 -26.76 -10.86
N LYS A 34 -21.02 -26.95 -10.17
CA LYS A 34 -22.31 -26.89 -10.83
C LYS A 34 -22.63 -25.49 -11.33
N ASP A 35 -22.34 -24.46 -10.53
CA ASP A 35 -22.67 -23.09 -10.93
C ASP A 35 -21.82 -22.57 -12.07
N PHE A 36 -20.62 -23.11 -12.29
CA PHE A 36 -19.70 -22.51 -13.27
C PHE A 36 -19.24 -23.45 -14.36
N SER A 37 -19.60 -24.75 -14.31
CA SER A 37 -19.27 -25.55 -15.48
C SER A 37 -20.25 -25.25 -16.61
N PRO A 38 -19.79 -25.23 -17.85
CA PRO A 38 -20.60 -24.70 -18.94
C PRO A 38 -21.67 -25.67 -19.42
N THR A 39 -22.77 -25.10 -19.90
CA THR A 39 -23.82 -25.86 -20.55
C THR A 39 -23.41 -26.23 -21.97
N ILE A 40 -24.20 -27.10 -22.60
CA ILE A 40 -23.89 -27.49 -23.97
C ILE A 40 -23.96 -26.30 -24.90
N ILE A 41 -24.88 -25.37 -24.64
CA ILE A 41 -25.04 -24.19 -25.48
C ILE A 41 -23.77 -23.33 -25.44
N GLU A 42 -23.13 -23.22 -24.28
CA GLU A 42 -21.90 -22.44 -24.20
C GLU A 42 -20.74 -23.18 -24.87
N ASP A 43 -20.64 -24.50 -24.68
CA ASP A 43 -19.62 -25.27 -25.38
C ASP A 43 -19.72 -25.06 -26.90
N GLN A 44 -20.94 -25.03 -27.42
CA GLN A 44 -21.11 -24.94 -28.87
C GLN A 44 -20.90 -23.51 -29.37
N ALA A 45 -21.19 -22.53 -28.53
CA ALA A 45 -20.87 -21.15 -28.88
C ALA A 45 -19.38 -20.98 -29.11
N ARG A 46 -18.57 -21.61 -28.25
CA ARG A 46 -17.13 -21.63 -28.44
C ARG A 46 -16.74 -22.32 -29.74
N GLU A 47 -17.37 -23.47 -30.01
CA GLU A 47 -17.07 -24.18 -31.25
C GLU A 47 -17.37 -23.30 -32.46
N HIS A 48 -18.55 -22.69 -32.49
CA HIS A 48 -18.91 -21.80 -33.60
C HIS A 48 -17.87 -20.69 -33.79
N ILE A 49 -17.43 -20.08 -32.69
CA ILE A 49 -16.40 -19.04 -32.79
C ILE A 49 -15.16 -19.59 -33.47
N ARG A 50 -14.69 -20.76 -33.03
CA ARG A 50 -13.55 -21.41 -33.70
C ARG A 50 -13.87 -21.71 -35.16
N GLN A 51 -15.08 -22.21 -35.42
CA GLN A 51 -15.48 -22.51 -36.79
C GLN A 51 -15.44 -21.24 -37.65
N ASN A 52 -16.10 -20.17 -37.20
CA ASN A 52 -16.25 -18.99 -38.03
C ASN A 52 -14.90 -18.31 -38.29
N LEU A 53 -14.10 -18.13 -37.23
CA LEU A 53 -12.80 -17.47 -37.37
C LEU A 53 -11.87 -18.25 -38.29
N GLU A 54 -11.94 -19.58 -38.26
CA GLU A 54 -11.12 -20.39 -39.15
C GLU A 54 -11.43 -20.06 -40.60
N SER A 55 -12.71 -20.07 -40.97
CA SER A 55 -13.07 -19.82 -42.35
C SER A 55 -12.78 -18.38 -42.75
N PHE A 56 -12.97 -17.44 -41.83
CA PHE A 56 -12.69 -16.04 -42.12
C PHE A 56 -11.20 -15.82 -42.34
N ILE A 57 -10.37 -16.37 -41.45
CA ILE A 57 -8.92 -16.22 -41.61
C ILE A 57 -8.44 -16.95 -42.85
N ARG A 58 -9.07 -18.07 -43.21
CA ARG A 58 -8.67 -18.82 -44.41
C ARG A 58 -8.79 -17.99 -45.68
N GLN A 59 -9.69 -16.98 -45.70
CA GLN A 59 -9.80 -16.11 -46.87
C GLN A 59 -8.47 -15.45 -47.20
N ASP A 60 -7.72 -15.04 -46.19
CA ASP A 60 -6.41 -14.42 -46.39
C ASP A 60 -5.26 -15.40 -46.26
N PHE A 61 -5.37 -16.38 -45.37
CA PHE A 61 -4.30 -17.35 -45.12
C PHE A 61 -4.87 -18.75 -45.33
N PRO A 62 -4.87 -19.25 -46.56
CA PRO A 62 -5.47 -20.57 -46.82
C PRO A 62 -4.70 -21.67 -46.12
N GLY A 63 -5.44 -22.69 -45.69
CA GLY A 63 -4.87 -23.74 -44.89
C GLY A 63 -4.85 -23.48 -43.40
N THR A 64 -5.32 -22.31 -42.94
CA THR A 64 -5.32 -22.02 -41.52
C THR A 64 -6.17 -23.03 -40.77
N LYS A 65 -5.59 -23.66 -39.76
CA LYS A 65 -6.29 -24.56 -38.85
C LYS A 65 -6.31 -23.94 -37.46
N LEU A 66 -7.51 -23.76 -36.91
CA LEU A 66 -7.69 -23.27 -35.56
C LEU A 66 -8.14 -24.40 -34.66
N SER A 67 -7.57 -24.45 -33.46
CA SER A 67 -7.99 -25.43 -32.48
C SER A 67 -8.02 -24.78 -31.11
N LEU A 68 -9.00 -25.17 -30.30
CA LEU A 68 -9.15 -24.66 -28.95
C LEU A 68 -8.28 -25.42 -27.97
N PHE A 69 -7.83 -24.72 -26.94
CA PHE A 69 -7.13 -25.38 -25.84
C PHE A 69 -7.48 -24.65 -24.55
N GLY A 70 -6.77 -24.99 -23.48
CA GLY A 70 -7.07 -24.32 -22.23
C GLY A 70 -8.37 -24.81 -21.63
N SER A 71 -9.01 -23.92 -20.86
CA SER A 71 -10.22 -24.30 -20.13
C SER A 71 -11.32 -24.77 -21.08
N SER A 72 -11.37 -24.23 -22.30
CA SER A 72 -12.40 -24.64 -23.25
C SER A 72 -12.34 -26.13 -23.56
N LYS A 73 -11.23 -26.80 -23.25
CA LYS A 73 -11.03 -28.19 -23.65
C LYS A 73 -10.29 -29.06 -22.64
N ASN A 74 -9.75 -28.51 -21.54
CA ASN A 74 -8.96 -29.30 -20.61
C ASN A 74 -9.78 -29.92 -19.47
N GLY A 75 -11.11 -29.99 -19.61
CA GLY A 75 -11.95 -30.56 -18.58
C GLY A 75 -12.28 -29.65 -17.42
N PHE A 76 -11.82 -28.40 -17.45
CA PHE A 76 -12.11 -27.41 -16.42
C PHE A 76 -12.78 -26.19 -17.03
N GLY A 77 -13.68 -26.43 -17.99
CA GLY A 77 -14.40 -25.33 -18.61
C GLY A 77 -15.16 -24.52 -17.58
N PHE A 78 -15.11 -23.20 -17.74
CA PHE A 78 -15.53 -22.27 -16.70
C PHE A 78 -16.25 -21.11 -17.37
N LYS A 79 -17.51 -20.87 -16.95
CA LYS A 79 -18.35 -19.88 -17.63
C LYS A 79 -17.64 -18.55 -17.78
N GLN A 80 -17.73 -17.98 -18.99
CA GLN A 80 -17.23 -16.66 -19.38
C GLN A 80 -15.72 -16.57 -19.38
N SER A 81 -15.01 -17.69 -19.22
CA SER A 81 -13.57 -17.69 -19.43
C SER A 81 -13.22 -17.18 -20.82
N ASP A 82 -12.02 -16.64 -20.96
CA ASP A 82 -11.51 -16.28 -22.27
C ASP A 82 -11.30 -17.54 -23.11
N LEU A 83 -11.37 -17.35 -24.42
CA LEU A 83 -11.22 -18.45 -25.38
C LEU A 83 -9.79 -18.51 -25.90
N ASP A 84 -9.11 -19.62 -25.63
CA ASP A 84 -7.74 -19.83 -26.09
C ASP A 84 -7.76 -20.58 -27.42
N VAL A 85 -7.19 -19.97 -28.45
CA VAL A 85 -7.19 -20.53 -29.80
C VAL A 85 -5.74 -20.67 -30.26
N CYS A 86 -5.40 -21.83 -30.79
CA CYS A 86 -4.09 -22.07 -31.39
C CYS A 86 -4.24 -22.14 -32.91
N MET A 87 -3.45 -21.35 -33.62
CA MET A 87 -3.48 -21.29 -35.07
C MET A 87 -2.23 -21.94 -35.65
N THR A 88 -2.43 -22.79 -36.65
CA THR A 88 -1.38 -23.31 -37.50
C THR A 88 -1.87 -23.22 -38.94
N ILE A 89 -0.98 -23.54 -39.88
CA ILE A 89 -1.29 -23.47 -41.30
C ILE A 89 -0.89 -24.79 -41.94
N ASN A 90 -1.86 -25.51 -42.49
CA ASN A 90 -1.59 -26.80 -43.09
C ASN A 90 -0.55 -26.67 -44.20
N GLY A 91 0.36 -27.63 -44.26
CA GLY A 91 1.45 -27.55 -45.22
C GLY A 91 2.53 -26.59 -44.81
N LEU A 92 2.69 -26.35 -43.51
CA LEU A 92 3.69 -25.42 -43.01
C LEU A 92 4.26 -25.91 -41.68
N GLY A 97 10.75 -21.35 -39.89
CA GLY A 97 11.14 -19.97 -39.63
C GLY A 97 10.01 -19.00 -39.92
N LEU A 98 8.96 -19.06 -39.12
CA LEU A 98 7.79 -18.21 -39.27
C LEU A 98 7.90 -17.03 -38.30
N ASP A 99 7.97 -15.82 -38.82
CA ASP A 99 8.03 -14.61 -38.01
C ASP A 99 6.71 -14.45 -37.25
N CYS A 100 6.67 -14.92 -36.00
CA CYS A 100 5.44 -14.85 -35.22
C CYS A 100 5.03 -13.43 -34.92
N VAL A 101 5.99 -12.54 -34.69
CA VAL A 101 5.69 -11.12 -34.49
C VAL A 101 4.93 -10.57 -35.69
N ARG A 102 5.48 -10.76 -36.88
CA ARG A 102 4.81 -10.28 -38.08
C ARG A 102 3.47 -10.98 -38.29
N THR A 103 3.38 -12.28 -37.98
CA THR A 103 2.14 -13.00 -38.27
C THR A 103 1.00 -12.53 -37.37
N ILE A 104 1.32 -12.25 -36.10
CA ILE A 104 0.34 -11.67 -35.18
C ILE A 104 -0.19 -10.34 -35.70
N GLU A 105 0.70 -9.45 -36.18
CA GLU A 105 0.23 -8.22 -36.79
C GLU A 105 -0.56 -8.49 -38.08
N GLU A 106 -0.17 -9.50 -38.85
CA GLU A 106 -0.96 -9.89 -40.00
C GLU A 106 -2.33 -10.39 -39.57
N LEU A 107 -2.36 -11.23 -38.54
CA LEU A 107 -3.63 -11.67 -38.01
C LEU A 107 -4.49 -10.49 -37.57
N ALA A 108 -3.88 -9.48 -36.94
CA ALA A 108 -4.64 -8.33 -36.48
C ALA A 108 -5.25 -7.58 -37.65
N ARG A 109 -4.45 -7.30 -38.68
CA ARG A 109 -4.95 -6.62 -39.86
C ARG A 109 -6.12 -7.36 -40.48
N VAL A 110 -6.03 -8.69 -40.54
CA VAL A 110 -7.11 -9.49 -41.11
C VAL A 110 -8.37 -9.35 -40.26
N LEU A 111 -8.23 -9.47 -38.94
CA LEU A 111 -9.40 -9.55 -38.06
C LEU A 111 -10.12 -8.22 -37.88
N ARG A 112 -9.44 -7.08 -38.10
CA ARG A 112 -10.16 -5.81 -37.99
C ARG A 112 -11.23 -5.64 -39.07
N LYS A 113 -11.18 -6.44 -40.13
CA LYS A 113 -12.22 -6.40 -41.15
C LYS A 113 -13.48 -7.18 -40.76
N HIS A 114 -13.49 -7.82 -39.60
CA HIS A 114 -14.59 -8.70 -39.18
C HIS A 114 -15.62 -7.88 -38.40
N SER A 115 -16.81 -7.74 -38.96
CA SER A 115 -17.84 -6.91 -38.33
C SER A 115 -18.30 -7.49 -36.99
N GLY A 116 -17.98 -8.74 -36.70
CA GLY A 116 -18.33 -9.35 -35.43
C GLY A 116 -17.31 -9.21 -34.33
N LEU A 117 -16.15 -8.64 -34.63
CA LEU A 117 -15.06 -8.49 -33.67
C LEU A 117 -14.81 -7.02 -33.41
N ARG A 118 -14.35 -6.72 -32.19
CA ARG A 118 -13.95 -5.37 -31.81
C ARG A 118 -12.72 -5.45 -30.93
N ASN A 119 -12.04 -4.31 -30.78
CA ASN A 119 -10.88 -4.19 -29.91
C ASN A 119 -9.80 -5.21 -30.28
N ILE A 120 -9.51 -5.30 -31.58
CA ILE A 120 -8.40 -6.13 -32.04
C ILE A 120 -7.10 -5.56 -31.47
N LEU A 121 -6.33 -6.42 -30.79
CA LEU A 121 -5.08 -5.92 -30.23
C LEU A 121 -3.95 -6.94 -30.34
N PRO A 122 -2.93 -6.69 -31.17
CA PRO A 122 -1.82 -7.63 -31.28
C PRO A 122 -0.85 -7.44 -30.13
N ILE A 123 -0.49 -8.53 -29.46
CA ILE A 123 0.52 -8.44 -28.41
C ILE A 123 1.75 -9.22 -28.86
N THR A 124 2.66 -8.53 -29.52
CA THR A 124 3.81 -9.15 -30.15
C THR A 124 4.96 -9.43 -29.18
N THR A 125 5.12 -8.62 -28.13
CA THR A 125 6.28 -8.76 -27.26
C THR A 125 6.11 -9.80 -26.17
N ALA A 126 4.89 -10.29 -25.94
CA ALA A 126 4.67 -11.29 -24.90
C ALA A 126 5.49 -12.56 -25.20
N LYS A 127 5.75 -13.33 -24.13
CA LYS A 127 6.41 -14.62 -24.28
C LYS A 127 5.65 -15.51 -25.26
N VAL A 128 4.33 -15.53 -25.14
CA VAL A 128 3.47 -16.17 -26.13
C VAL A 128 2.69 -15.07 -26.85
N PRO A 129 3.14 -14.66 -28.04
CA PRO A 129 2.41 -13.60 -28.75
C PRO A 129 0.98 -14.04 -29.05
N ILE A 130 0.06 -13.09 -28.95
CA ILE A 130 -1.36 -13.37 -29.15
C ILE A 130 -1.99 -12.17 -29.84
N VAL A 131 -3.05 -12.44 -30.61
CA VAL A 131 -3.99 -11.41 -31.02
C VAL A 131 -5.20 -11.57 -30.11
N LYS A 132 -5.54 -10.50 -29.40
CA LYS A 132 -6.61 -10.51 -28.42
C LYS A 132 -7.74 -9.67 -28.97
N PHE A 133 -8.98 -10.13 -28.82
CA PHE A 133 -10.10 -9.34 -29.32
C PHE A 133 -11.38 -9.77 -28.61
N PHE A 134 -12.42 -8.97 -28.82
CA PHE A 134 -13.72 -9.15 -28.20
C PHE A 134 -14.70 -9.66 -29.25
N HIS A 135 -15.45 -10.70 -28.91
CA HIS A 135 -16.40 -11.32 -29.83
C HIS A 135 -17.81 -10.84 -29.48
N LEU A 136 -18.44 -10.12 -30.42
CA LEU A 136 -19.69 -9.41 -30.10
C LEU A 136 -20.80 -10.38 -29.71
N ARG A 137 -21.08 -11.37 -30.56
CA ARG A 137 -22.22 -12.25 -30.33
C ARG A 137 -22.13 -12.94 -28.96
N SER A 138 -20.94 -13.37 -28.55
CA SER A 138 -20.78 -14.14 -27.33
C SER A 138 -20.34 -13.30 -26.15
N GLY A 139 -19.86 -12.08 -26.40
CA GLY A 139 -19.27 -11.29 -25.34
C GLY A 139 -17.98 -11.83 -24.76
N LEU A 140 -17.43 -12.92 -25.30
CA LEU A 140 -16.19 -13.49 -24.76
C LEU A 140 -14.97 -12.79 -25.36
N GLU A 141 -13.89 -12.79 -24.59
CA GLU A 141 -12.59 -12.35 -25.10
C GLU A 141 -11.84 -13.56 -25.65
N VAL A 142 -11.16 -13.36 -26.79
CA VAL A 142 -10.50 -14.44 -27.52
C VAL A 142 -9.02 -14.13 -27.67
N ASP A 143 -8.18 -15.15 -27.50
CA ASP A 143 -6.73 -15.03 -27.63
C ASP A 143 -6.24 -16.04 -28.66
N ILE A 144 -5.70 -15.57 -29.78
CA ILE A 144 -5.14 -16.45 -30.80
C ILE A 144 -3.62 -16.42 -30.70
N SER A 145 -3.03 -17.58 -30.50
CA SER A 145 -1.58 -17.76 -30.51
C SER A 145 -1.21 -18.68 -31.67
N LEU A 146 0.07 -18.66 -32.03
CA LEU A 146 0.58 -19.39 -33.20
C LEU A 146 1.40 -20.59 -32.77
N TYR A 147 1.07 -21.76 -33.33
CA TYR A 147 1.83 -23.00 -33.12
C TYR A 147 2.09 -23.27 -31.64
N ASN A 148 1.06 -23.09 -30.82
CA ASN A 148 1.17 -23.28 -29.38
C ASN A 148 0.97 -24.75 -29.04
N THR A 149 1.90 -25.57 -29.53
CA THR A 149 1.68 -27.02 -29.57
C THR A 149 1.78 -27.64 -28.18
N LEU A 150 2.73 -27.21 -27.36
CA LEU A 150 2.76 -27.69 -25.98
C LEU A 150 1.42 -27.41 -25.28
N ALA A 151 0.81 -26.25 -25.56
CA ALA A 151 -0.45 -25.91 -24.90
C ALA A 151 -1.52 -26.92 -25.25
N LEU A 152 -1.54 -27.41 -26.49
CA LEU A 152 -2.51 -28.44 -26.86
C LEU A 152 -2.31 -29.71 -26.04
N HIS A 153 -1.06 -30.00 -25.67
CA HIS A 153 -0.77 -31.23 -24.94
C HIS A 153 -1.00 -31.12 -23.45
N ASN A 154 -0.71 -29.95 -22.83
CA ASN A 154 -1.09 -29.80 -21.43
C ASN A 154 -2.60 -29.69 -21.27
N THR A 155 -3.32 -29.30 -22.33
CA THR A 155 -4.77 -29.40 -22.31
C THR A 155 -5.23 -30.85 -22.18
N ARG A 156 -4.67 -31.75 -23.00
CA ARG A 156 -5.03 -33.17 -22.92
C ARG A 156 -4.62 -33.76 -21.58
N LEU A 157 -3.54 -33.25 -20.99
CA LEU A 157 -3.03 -33.81 -19.74
C LEU A 157 -3.93 -33.42 -18.58
N LEU A 158 -4.26 -32.13 -18.48
CA LEU A 158 -5.20 -31.68 -17.47
C LEU A 158 -6.54 -32.39 -17.64
N SER A 159 -6.97 -32.56 -18.89
CA SER A 159 -8.20 -33.31 -19.15
C SER A 159 -8.11 -34.73 -18.57
N ALA A 160 -6.96 -35.38 -18.72
CA ALA A 160 -6.83 -36.72 -18.14
C ALA A 160 -6.93 -36.67 -16.62
N TYR A 161 -6.32 -35.66 -15.99
CA TYR A 161 -6.48 -35.51 -14.54
C TYR A 161 -7.94 -35.23 -14.16
N SER A 162 -8.62 -34.39 -14.93
CA SER A 162 -10.01 -34.07 -14.65
C SER A 162 -10.92 -35.31 -14.68
N ALA A 163 -10.52 -36.37 -15.38
CA ALA A 163 -11.34 -37.58 -15.49
C ALA A 163 -11.03 -38.63 -14.44
N ILE A 164 -9.93 -38.47 -13.68
CA ILE A 164 -9.53 -39.52 -12.75
C ILE A 164 -10.50 -39.60 -11.57
N ASP A 165 -10.82 -38.46 -10.97
CA ASP A 165 -11.57 -38.45 -9.73
C ASP A 165 -12.45 -37.21 -9.65
N PRO A 166 -13.74 -37.37 -9.29
CA PRO A 166 -14.64 -36.21 -9.23
C PRO A 166 -14.11 -35.04 -8.43
N ARG A 167 -13.38 -35.30 -7.35
CA ARG A 167 -12.92 -34.19 -6.51
C ARG A 167 -11.86 -33.32 -7.19
N VAL A 168 -11.23 -33.80 -8.26
CA VAL A 168 -10.24 -32.99 -8.97
C VAL A 168 -10.90 -31.79 -9.62
N LYS A 169 -12.02 -32.02 -10.31
CA LYS A 169 -12.80 -30.91 -10.85
C LYS A 169 -13.34 -30.01 -9.74
N TYR A 170 -13.97 -30.62 -8.73
CA TYR A 170 -14.54 -29.84 -7.63
C TYR A 170 -13.53 -28.86 -7.06
N LEU A 171 -12.31 -29.33 -6.78
CA LEU A 171 -11.32 -28.44 -6.20
C LEU A 171 -10.82 -27.41 -7.21
N CYS A 172 -10.60 -27.82 -8.46
CA CYS A 172 -10.13 -26.88 -9.47
C CYS A 172 -11.16 -25.81 -9.75
N TYR A 173 -12.44 -26.18 -9.79
CA TYR A 173 -13.48 -25.18 -9.92
C TYR A 173 -13.50 -24.26 -8.70
N THR A 174 -13.44 -24.83 -7.49
CA THR A 174 -13.47 -24.00 -6.28
C THR A 174 -12.30 -23.02 -6.28
N MET A 175 -11.14 -23.45 -6.77
CA MET A 175 -9.95 -22.59 -6.84
C MET A 175 -10.12 -21.46 -7.86
N LYS A 176 -10.78 -21.77 -8.99
CA LYS A 176 -11.05 -20.75 -10.00
C LYS A 176 -12.03 -19.70 -9.48
N VAL A 177 -13.04 -20.12 -8.74
CA VAL A 177 -13.95 -19.16 -8.11
C VAL A 177 -13.17 -18.30 -7.10
N PHE A 178 -12.30 -18.94 -6.32
CA PHE A 178 -11.59 -18.24 -5.25
C PHE A 178 -10.61 -17.21 -5.80
N THR A 179 -9.74 -17.61 -6.74
CA THR A 179 -8.80 -16.63 -7.29
C THR A 179 -9.53 -15.50 -8.00
N LYS A 180 -10.71 -15.77 -8.57
CA LYS A 180 -11.45 -14.71 -9.23
C LYS A 180 -11.92 -13.68 -8.22
N MET A 181 -12.55 -14.12 -7.13
CA MET A 181 -13.03 -13.17 -6.12
C MET A 181 -11.86 -12.43 -5.47
N CYS A 182 -10.76 -13.13 -5.18
CA CYS A 182 -9.60 -12.46 -4.60
C CYS A 182 -8.86 -11.59 -5.61
N ASP A 183 -9.28 -11.60 -6.87
CA ASP A 183 -8.63 -10.83 -7.94
C ASP A 183 -7.11 -11.11 -8.01
N ILE A 184 -6.73 -12.39 -7.91
CA ILE A 184 -5.32 -12.79 -7.97
C ILE A 184 -5.03 -13.72 -9.16
N GLY A 185 -5.90 -13.74 -10.16
CA GLY A 185 -5.70 -14.63 -11.29
C GLY A 185 -5.51 -13.96 -12.64
N ASP A 186 -4.72 -12.88 -12.69
CA ASP A 186 -4.44 -12.15 -13.93
C ASP A 186 -2.93 -11.97 -14.05
N ALA A 187 -2.26 -12.84 -14.81
CA ALA A 187 -0.82 -12.71 -14.95
C ALA A 187 -0.43 -11.46 -15.72
N SER A 188 -1.35 -10.88 -16.51
CA SER A 188 -1.03 -9.63 -17.18
C SER A 188 -0.99 -8.46 -16.23
N ARG A 189 -1.54 -8.61 -15.03
CA ARG A 189 -1.39 -7.61 -13.98
C ARG A 189 -0.48 -8.13 -12.87
N GLY A 190 0.52 -8.94 -13.24
CA GLY A 190 1.58 -9.35 -12.35
C GLY A 190 1.24 -10.43 -11.36
N SER A 191 0.06 -11.04 -11.45
CA SER A 191 -0.34 -12.12 -10.55
C SER A 191 -0.03 -13.48 -11.20
N LEU A 192 -0.68 -14.54 -10.75
CA LEU A 192 -0.54 -15.84 -11.40
C LEU A 192 -1.73 -16.08 -12.33
N SER A 193 -1.51 -16.90 -13.34
CA SER A 193 -2.57 -17.26 -14.27
C SER A 193 -3.39 -18.43 -13.73
N SER A 194 -4.61 -18.58 -14.26
CA SER A 194 -5.45 -19.71 -13.87
C SER A 194 -4.71 -21.03 -14.01
N TYR A 195 -4.00 -21.20 -15.14
CA TYR A 195 -3.25 -22.42 -15.39
C TYR A 195 -2.28 -22.70 -14.26
N ALA A 196 -1.71 -21.65 -13.67
CA ALA A 196 -0.81 -21.84 -12.52
C ALA A 196 -1.57 -22.36 -11.31
N TYR A 197 -2.75 -21.81 -11.05
CA TYR A 197 -3.51 -22.25 -9.87
C TYR A 197 -3.97 -23.68 -10.02
N THR A 198 -4.48 -24.05 -11.19
CA THR A 198 -4.81 -25.45 -11.46
C THR A 198 -3.63 -26.38 -11.17
N LEU A 199 -2.43 -26.03 -11.65
CA LEU A 199 -1.25 -26.84 -11.33
C LEU A 199 -1.03 -26.93 -9.82
N MET A 200 -1.30 -25.83 -9.09
CA MET A 200 -1.14 -25.87 -7.64
C MET A 200 -2.13 -26.85 -7.02
N VAL A 201 -3.33 -26.95 -7.57
CA VAL A 201 -4.30 -27.89 -7.06
C VAL A 201 -3.85 -29.32 -7.33
N LEU A 202 -3.49 -29.61 -8.58
CA LEU A 202 -3.08 -30.96 -8.96
C LEU A 202 -1.86 -31.41 -8.16
N TYR A 203 -0.91 -30.50 -7.96
CA TYR A 203 0.24 -30.82 -7.12
C TYR A 203 -0.19 -31.17 -5.70
N PHE A 204 -1.07 -30.35 -5.11
CA PHE A 204 -1.50 -30.62 -3.75
C PHE A 204 -2.15 -32.00 -3.63
N LEU A 205 -2.92 -32.40 -4.65
CA LEU A 205 -3.57 -33.69 -4.63
C LEU A 205 -2.59 -34.84 -4.91
N GLN A 206 -1.51 -34.58 -5.66
CA GLN A 206 -0.48 -35.61 -5.83
C GLN A 206 0.35 -35.80 -4.57
N GLN A 207 0.46 -34.76 -3.74
CA GLN A 207 1.38 -34.74 -2.61
C GLN A 207 0.74 -35.11 -1.29
N ARG A 208 -0.58 -35.00 -1.17
CA ARG A 208 -1.20 -35.32 0.09
C ARG A 208 -1.18 -36.83 0.33
N ASN A 209 -1.27 -37.21 1.60
CA ASN A 209 -1.09 -38.62 1.95
C ASN A 209 -2.38 -39.19 2.52
N PRO A 210 -3.01 -40.13 1.81
CA PRO A 210 -2.61 -40.70 0.52
C PRO A 210 -3.03 -39.91 -0.67
N PRO A 211 -2.28 -40.03 -1.76
CA PRO A 211 -2.61 -39.33 -3.02
C PRO A 211 -4.10 -39.42 -3.38
N VAL A 212 -4.64 -38.32 -3.92
CA VAL A 212 -5.94 -38.35 -4.59
C VAL A 212 -5.78 -38.65 -6.08
N ILE A 213 -4.74 -38.11 -6.70
CA ILE A 213 -4.40 -38.45 -8.08
C ILE A 213 -2.98 -38.96 -8.10
N PRO A 214 -2.62 -39.75 -9.12
CA PRO A 214 -1.21 -40.11 -9.31
C PRO A 214 -0.50 -39.01 -10.09
N VAL A 215 0.72 -39.27 -10.52
CA VAL A 215 1.37 -38.48 -11.56
C VAL A 215 1.31 -39.30 -12.86
N LEU A 216 0.74 -38.73 -13.91
CA LEU A 216 0.42 -39.52 -15.09
C LEU A 216 1.58 -39.70 -16.05
N GLN A 217 2.64 -38.90 -15.94
CA GLN A 217 3.84 -39.07 -16.74
C GLN A 217 4.90 -39.95 -16.07
N GLU A 218 4.55 -40.60 -14.96
CA GLU A 218 5.38 -41.63 -14.35
C GLU A 218 4.69 -42.99 -14.33
N ILE A 219 3.58 -43.14 -15.04
CA ILE A 219 2.83 -44.38 -15.05
C ILE A 219 2.65 -44.91 -16.48
N PRO A 226 8.64 -44.31 -21.92
CA PRO A 226 8.10 -43.71 -23.15
C PRO A 226 8.59 -42.27 -23.38
N GLU A 227 9.07 -41.98 -24.59
CA GLU A 227 9.59 -40.65 -24.94
C GLU A 227 8.92 -40.18 -26.22
N ILE A 228 7.88 -39.37 -26.07
CA ILE A 228 7.20 -38.69 -27.17
C ILE A 228 7.60 -37.22 -27.09
N PHE A 229 8.36 -36.74 -28.08
CA PHE A 229 8.93 -35.40 -28.05
C PHE A 229 8.15 -34.44 -28.93
N VAL A 230 7.87 -33.26 -28.40
CA VAL A 230 7.39 -32.11 -29.17
C VAL A 230 8.12 -30.87 -28.64
N ASP A 231 8.79 -30.14 -29.54
CA ASP A 231 9.63 -28.98 -29.18
C ASP A 231 10.77 -29.39 -28.26
N GLY A 232 11.35 -30.56 -28.54
CA GLY A 232 12.39 -31.12 -27.70
C GLY A 232 11.95 -31.58 -26.34
N TRP A 233 10.68 -31.45 -26.00
CA TRP A 233 10.17 -31.81 -24.68
C TRP A 233 9.40 -33.10 -24.76
N ASN A 234 9.66 -34.02 -23.82
CA ASN A 234 8.84 -35.22 -23.69
C ASN A 234 7.44 -34.83 -23.23
N ILE A 235 6.44 -35.08 -24.08
CA ILE A 235 5.05 -34.80 -23.77
C ILE A 235 4.27 -36.05 -23.40
N TYR A 236 4.96 -37.18 -23.20
CA TYR A 236 4.26 -38.41 -22.85
C TYR A 236 3.60 -38.29 -21.48
N PHE A 237 2.41 -38.89 -21.38
CA PHE A 237 1.75 -39.14 -20.10
C PHE A 237 0.76 -40.28 -20.31
N PHE A 238 0.44 -40.98 -19.22
CA PHE A 238 -0.54 -42.05 -19.26
C PHE A 238 -1.94 -41.46 -19.32
N ASP A 239 -2.74 -41.89 -20.31
CA ASP A 239 -4.01 -41.24 -20.58
C ASP A 239 -5.19 -42.21 -20.74
N GLN A 240 -5.00 -43.51 -20.54
CA GLN A 240 -6.12 -44.45 -20.61
C GLN A 240 -6.76 -44.52 -19.22
N ILE A 241 -7.70 -43.61 -18.99
CA ILE A 241 -8.29 -43.38 -17.67
C ILE A 241 -9.16 -44.56 -17.23
N ASP A 242 -9.32 -45.54 -18.11
CA ASP A 242 -10.09 -46.72 -17.75
C ASP A 242 -9.26 -47.80 -17.09
N GLU A 243 -7.93 -47.63 -17.00
CA GLU A 243 -7.05 -48.72 -16.57
C GLU A 243 -6.05 -48.29 -15.51
N LEU A 244 -6.24 -47.15 -14.85
CA LEU A 244 -5.35 -46.78 -13.74
C LEU A 244 -5.43 -47.73 -12.55
N PRO A 245 -6.59 -48.34 -12.23
CA PRO A 245 -6.60 -49.31 -11.13
C PRO A 245 -5.51 -50.37 -11.24
N THR A 246 -5.07 -50.68 -12.47
CA THR A 246 -4.02 -51.67 -12.65
C THR A 246 -2.63 -51.10 -12.38
N TYR A 247 -2.39 -49.84 -12.79
CA TYR A 247 -1.05 -49.30 -12.83
C TYR A 247 -0.77 -48.24 -11.76
N TRP A 248 -1.78 -47.77 -11.04
CA TRP A 248 -1.56 -46.79 -9.97
C TRP A 248 -1.68 -47.50 -8.63
N SER A 249 -0.64 -47.36 -7.80
CA SER A 249 -0.57 -48.13 -6.55
C SER A 249 -1.65 -47.71 -5.57
N GLU A 250 -1.79 -46.41 -5.33
CA GLU A 250 -2.67 -45.90 -4.29
C GLU A 250 -4.04 -45.48 -4.84
N CYS A 251 -4.52 -46.19 -5.86
CA CYS A 251 -5.85 -45.89 -6.39
C CYS A 251 -6.92 -46.28 -5.37
N GLY A 252 -7.94 -45.43 -5.25
CA GLY A 252 -9.01 -45.67 -4.30
C GLY A 252 -8.62 -45.56 -2.85
N LYS A 253 -7.38 -45.16 -2.55
CA LYS A 253 -6.89 -45.17 -1.18
C LYS A 253 -7.41 -43.97 -0.38
N ASN A 254 -7.45 -42.79 -1.00
CA ASN A 254 -7.82 -41.56 -0.31
C ASN A 254 -9.34 -41.37 -0.33
N THR A 255 -9.93 -41.23 0.87
CA THR A 255 -11.37 -41.25 1.06
C THR A 255 -11.96 -39.92 1.49
N GLU A 256 -11.16 -38.86 1.53
CA GLU A 256 -11.56 -37.64 2.21
C GLU A 256 -12.54 -36.84 1.38
N SER A 257 -13.41 -36.12 2.08
CA SER A 257 -14.43 -35.29 1.44
C SER A 257 -13.77 -34.12 0.71
N VAL A 258 -14.49 -33.58 -0.28
CA VAL A 258 -13.92 -32.50 -1.09
C VAL A 258 -13.76 -31.23 -0.25
N GLY A 259 -14.65 -31.02 0.71
CA GLY A 259 -14.52 -29.86 1.58
C GLY A 259 -13.37 -29.98 2.55
N GLN A 260 -13.01 -31.21 2.91
CA GLN A 260 -11.81 -31.38 3.73
C GLN A 260 -10.55 -31.16 2.90
N LEU A 261 -10.59 -31.58 1.63
CA LEU A 261 -9.44 -31.37 0.74
C LEU A 261 -9.28 -29.89 0.40
N TRP A 262 -10.38 -29.16 0.22
CA TRP A 262 -10.27 -27.74 -0.10
C TRP A 262 -9.68 -26.97 1.08
N LEU A 263 -10.21 -27.19 2.28
CA LEU A 263 -9.53 -26.65 3.45
C LEU A 263 -8.12 -27.22 3.55
N GLY A 264 -7.93 -28.48 3.16
CA GLY A 264 -6.60 -29.06 3.17
C GLY A 264 -5.64 -28.35 2.23
N LEU A 265 -6.13 -27.92 1.06
CA LEU A 265 -5.26 -27.21 0.15
C LEU A 265 -4.85 -25.86 0.71
N LEU A 266 -5.81 -25.15 1.31
CA LEU A 266 -5.50 -23.83 1.85
C LEU A 266 -4.48 -23.95 2.97
N ARG A 267 -4.64 -24.96 3.84
CA ARG A 267 -3.66 -25.18 4.88
C ARG A 267 -2.33 -25.65 4.30
N PHE A 268 -2.38 -26.47 3.24
CA PHE A 268 -1.15 -26.96 2.63
C PHE A 268 -0.28 -25.83 2.12
N TYR A 269 -0.88 -24.80 1.51
CA TYR A 269 -0.14 -23.68 0.95
C TYR A 269 0.03 -22.51 1.90
N THR A 270 -0.40 -22.62 3.16
CA THR A 270 -0.13 -21.60 4.14
C THR A 270 0.64 -22.10 5.36
N GLU A 271 0.69 -23.42 5.60
CA GLU A 271 1.28 -24.00 6.81
C GLU A 271 2.47 -24.92 6.52
N GLU A 272 2.37 -25.74 5.47
CA GLU A 272 3.31 -26.84 5.26
C GLU A 272 4.30 -26.54 4.15
N PHE A 273 3.81 -26.32 2.94
CA PHE A 273 4.68 -26.18 1.78
C PHE A 273 5.59 -24.97 1.94
N ASP A 274 6.87 -25.16 1.64
CA ASP A 274 7.89 -24.12 1.72
C ASP A 274 8.27 -23.65 0.31
N PHE A 275 7.68 -22.52 -0.11
CA PHE A 275 7.93 -21.99 -1.45
C PHE A 275 9.39 -21.66 -1.70
N LYS A 276 10.17 -21.46 -0.64
CA LYS A 276 11.54 -20.99 -0.80
C LYS A 276 12.49 -22.09 -1.25
N GLU A 277 12.15 -23.36 -1.02
CA GLU A 277 13.03 -24.46 -1.37
C GLU A 277 12.43 -25.47 -2.33
N HIS A 278 11.12 -25.47 -2.57
CA HIS A 278 10.48 -26.52 -3.36
C HIS A 278 9.71 -25.94 -4.53
N VAL A 279 9.78 -26.64 -5.66
CA VAL A 279 9.10 -26.26 -6.90
C VAL A 279 7.81 -27.06 -6.99
N ILE A 280 6.72 -26.38 -7.30
CA ILE A 280 5.43 -27.02 -7.52
C ILE A 280 5.49 -27.72 -8.87
N SER A 281 5.63 -29.05 -8.85
CA SER A 281 5.97 -29.80 -10.07
C SER A 281 5.05 -31.01 -10.19
N ILE A 282 4.05 -30.92 -11.07
CA ILE A 282 3.13 -32.06 -11.24
C ILE A 282 3.71 -33.13 -12.13
N ARG A 283 4.89 -32.92 -12.71
CA ARG A 283 5.40 -33.89 -13.65
C ARG A 283 5.93 -35.12 -12.93
N ARG A 284 6.62 -34.94 -11.82
CA ARG A 284 7.09 -36.09 -11.10
C ARG A 284 6.84 -35.95 -9.60
N LYS A 285 6.71 -37.12 -8.96
CA LYS A 285 6.14 -37.24 -7.62
C LYS A 285 7.10 -36.73 -6.55
N SER A 286 8.39 -37.01 -6.70
CA SER A 286 9.35 -36.64 -5.67
C SER A 286 9.54 -35.13 -5.64
N LEU A 287 10.09 -34.66 -4.53
CA LEU A 287 10.41 -33.26 -4.32
C LEU A 287 11.36 -32.72 -5.38
N LEU A 288 11.02 -31.59 -5.99
CA LEU A 288 11.91 -30.86 -6.89
C LEU A 288 12.26 -29.52 -6.23
N THR A 289 13.56 -29.25 -6.10
CA THR A 289 14.05 -28.17 -5.26
C THR A 289 14.38 -26.92 -6.07
N THR A 290 14.27 -25.77 -5.41
CA THR A 290 14.74 -24.50 -5.99
C THR A 290 16.18 -24.60 -6.49
N PHE A 291 17.03 -25.35 -5.77
CA PHE A 291 18.46 -25.31 -6.06
C PHE A 291 18.80 -26.04 -7.36
N LYS A 292 18.15 -27.19 -7.60
CA LYS A 292 18.46 -27.98 -8.79
C LYS A 292 18.03 -27.26 -10.07
N LYS A 293 16.89 -26.57 -10.04
CA LYS A 293 16.34 -25.93 -11.23
C LYS A 293 16.97 -24.56 -11.52
N GLN A 294 17.89 -24.10 -10.67
CA GLN A 294 18.50 -22.78 -10.78
C GLN A 294 17.49 -21.65 -10.66
N TRP A 295 16.35 -21.92 -10.02
CA TRP A 295 15.29 -20.94 -9.87
C TRP A 295 15.27 -20.43 -8.43
N THR A 296 16.38 -19.86 -7.98
CA THR A 296 16.57 -19.59 -6.56
C THR A 296 15.67 -18.49 -6.05
N SER A 297 15.34 -17.51 -6.89
CA SER A 297 14.58 -16.35 -6.42
C SER A 297 13.45 -16.01 -7.37
N ILE A 300 6.99 -17.68 -5.45
CA ILE A 300 6.33 -18.92 -5.82
C ILE A 300 6.89 -19.45 -7.13
N VAL A 301 7.23 -20.74 -7.14
CA VAL A 301 7.92 -21.35 -8.27
C VAL A 301 7.09 -22.53 -8.76
N ILE A 302 6.72 -22.51 -10.04
CA ILE A 302 5.82 -23.51 -10.62
C ILE A 302 6.40 -23.92 -11.97
N GLU A 303 6.66 -25.21 -12.13
CA GLU A 303 7.25 -25.72 -13.36
C GLU A 303 6.15 -26.26 -14.27
N ASP A 304 6.22 -25.87 -15.54
CA ASP A 304 5.26 -26.39 -16.50
C ASP A 304 5.42 -27.90 -16.63
N PRO A 305 4.32 -28.64 -16.77
CA PRO A 305 4.42 -30.11 -16.92
C PRO A 305 5.34 -30.56 -18.04
N PHE A 306 5.50 -29.75 -19.09
CA PHE A 306 6.24 -30.17 -20.26
C PHE A 306 7.39 -29.21 -20.57
N ASP A 307 7.11 -27.92 -20.66
CA ASP A 307 8.16 -26.92 -20.87
C ASP A 307 8.86 -26.71 -19.54
N LEU A 308 9.84 -27.57 -19.26
CA LEU A 308 10.51 -27.57 -17.97
C LEU A 308 11.41 -26.36 -17.77
N ASN A 309 11.68 -25.59 -18.82
CA ASN A 309 12.41 -24.34 -18.69
C ASN A 309 11.50 -23.17 -18.32
N HIS A 310 10.19 -23.38 -18.23
CA HIS A 310 9.25 -22.29 -17.99
C HIS A 310 8.78 -22.33 -16.54
N ASN A 311 9.19 -21.34 -15.76
CA ASN A 311 8.67 -21.13 -14.41
C ASN A 311 7.49 -20.18 -14.51
N LEU A 312 6.29 -20.67 -14.19
CA LEU A 312 5.08 -19.85 -14.29
C LEU A 312 5.00 -18.75 -13.24
N GLY A 313 5.86 -18.78 -12.22
CA GLY A 313 5.93 -17.70 -11.26
C GLY A 313 7.05 -16.70 -11.52
N ALA A 314 7.73 -16.78 -12.65
CA ALA A 314 8.90 -15.94 -12.92
C ALA A 314 8.57 -14.45 -12.98
N GLY A 315 7.33 -14.08 -13.25
CA GLY A 315 6.95 -12.69 -13.33
C GLY A 315 6.36 -12.10 -12.07
N LEU A 316 6.30 -12.88 -10.98
CA LEU A 316 5.70 -12.39 -9.75
C LEU A 316 6.55 -11.30 -9.11
N SER A 317 5.94 -10.17 -8.79
CA SER A 317 6.58 -9.27 -7.84
C SER A 317 6.45 -9.86 -6.43
N ARG A 318 7.19 -9.27 -5.49
CA ARG A 318 7.01 -9.65 -4.09
C ARG A 318 5.85 -8.92 -3.43
N LYS A 319 5.53 -7.71 -3.88
CA LYS A 319 4.20 -7.19 -3.62
C LYS A 319 3.17 -8.24 -4.04
N MET A 320 3.27 -8.75 -5.26
CA MET A 320 2.15 -9.59 -5.72
C MET A 320 2.09 -10.93 -4.98
N THR A 321 3.23 -11.51 -4.65
CA THR A 321 3.21 -12.73 -3.87
C THR A 321 2.55 -12.51 -2.51
N ASN A 322 2.71 -11.31 -1.93
CA ASN A 322 2.08 -11.02 -0.65
C ASN A 322 0.56 -11.00 -0.78
N PHE A 323 0.01 -10.36 -1.82
CA PHE A 323 -1.44 -10.39 -1.98
C PHE A 323 -1.93 -11.83 -2.07
N ILE A 324 -1.26 -12.65 -2.88
CA ILE A 324 -1.64 -14.05 -3.02
C ILE A 324 -1.61 -14.74 -1.65
N MET A 325 -0.50 -14.58 -0.92
CA MET A 325 -0.39 -15.20 0.40
C MET A 325 -1.47 -14.69 1.35
N LYS A 326 -1.76 -13.37 1.30
CA LYS A 326 -2.81 -12.82 2.15
C LYS A 326 -4.17 -13.43 1.81
N ALA A 327 -4.46 -13.59 0.51
CA ALA A 327 -5.75 -14.16 0.11
C ALA A 327 -5.88 -15.61 0.57
N PHE A 328 -4.80 -16.38 0.47
CA PHE A 328 -4.82 -17.75 0.96
C PHE A 328 -5.04 -17.80 2.48
N ILE A 329 -4.48 -16.84 3.22
CA ILE A 329 -4.59 -16.87 4.67
C ILE A 329 -6.01 -16.59 5.12
N ASN A 330 -6.69 -15.61 4.51
CA ASN A 330 -8.09 -15.35 4.86
C ASN A 330 -9.00 -16.40 4.25
N GLY A 331 -8.60 -16.96 3.12
CA GLY A 331 -9.19 -18.21 2.67
C GLY A 331 -9.15 -19.28 3.75
N ARG A 332 -7.99 -19.49 4.37
CA ARG A 332 -7.91 -20.45 5.47
C ARG A 332 -8.86 -20.06 6.61
N ARG A 333 -9.01 -18.77 6.87
CA ARG A 333 -9.80 -18.34 8.02
C ARG A 333 -11.30 -18.64 7.81
N VAL A 334 -11.87 -18.15 6.70
CA VAL A 334 -13.31 -18.25 6.56
C VAL A 334 -13.73 -19.69 6.24
N PHE A 335 -12.89 -20.44 5.54
CA PHE A 335 -13.20 -21.84 5.29
C PHE A 335 -12.79 -22.76 6.44
N GLY A 336 -12.05 -22.25 7.42
CA GLY A 336 -11.51 -23.09 8.45
C GLY A 336 -12.09 -22.85 9.84
N ILE A 337 -12.66 -21.67 10.07
CA ILE A 337 -13.30 -21.36 11.35
C ILE A 337 -14.76 -21.76 11.25
N PRO A 338 -15.18 -22.83 11.92
CA PRO A 338 -16.59 -23.22 11.84
C PRO A 338 -17.47 -22.14 12.45
N VAL A 339 -18.62 -21.93 11.80
CA VAL A 339 -19.75 -21.17 12.29
C VAL A 339 -20.98 -21.96 11.86
N LYS A 340 -22.08 -21.79 12.60
CA LYS A 340 -23.46 -22.02 12.13
C LYS A 340 -24.40 -21.34 13.15
N GLY A 341 -25.30 -20.49 12.67
CA GLY A 341 -25.59 -20.39 11.25
C GLY A 341 -24.76 -19.39 10.46
N PHE A 342 -25.44 -18.73 9.53
CA PHE A 342 -24.89 -17.67 8.75
C PHE A 342 -25.93 -16.57 8.79
N PRO A 343 -25.52 -15.30 8.84
CA PRO A 343 -26.52 -14.23 8.94
C PRO A 343 -27.49 -14.29 7.77
N LYS A 344 -28.78 -14.20 8.08
CA LYS A 344 -29.83 -14.25 7.06
C LYS A 344 -29.72 -13.11 6.07
N ASP A 345 -28.87 -12.13 6.35
CA ASP A 345 -28.40 -11.17 5.35
C ASP A 345 -28.00 -11.85 4.05
N TYR A 346 -27.18 -12.89 4.15
CA TYR A 346 -26.68 -13.55 2.95
C TYR A 346 -27.78 -14.38 2.29
N PRO A 347 -27.92 -14.31 0.96
CA PRO A 347 -28.91 -15.15 0.28
C PRO A 347 -28.55 -16.63 0.25
N SER A 348 -27.26 -16.96 0.41
CA SER A 348 -26.80 -18.35 0.40
C SER A 348 -25.39 -18.41 0.99
N LYS A 349 -24.96 -19.64 1.32
CA LYS A 349 -23.62 -19.85 1.86
C LYS A 349 -22.54 -19.35 0.91
N MET A 350 -22.83 -19.37 -0.39
CA MET A 350 -21.83 -18.98 -1.39
C MET A 350 -21.32 -17.57 -1.15
N GLU A 351 -22.23 -16.64 -0.85
CA GLU A 351 -21.81 -15.25 -0.64
C GLU A 351 -21.08 -15.08 0.69
N TYR A 352 -21.34 -15.95 1.67
CA TYR A 352 -20.58 -15.89 2.91
C TYR A 352 -19.12 -16.27 2.69
N PHE A 353 -18.89 -17.41 2.02
CA PHE A 353 -17.52 -17.89 1.87
C PHE A 353 -16.74 -17.05 0.85
N PHE A 354 -17.36 -16.72 -0.28
CA PHE A 354 -16.68 -15.98 -1.35
C PHE A 354 -17.02 -14.48 -1.30
N ASP A 355 -16.97 -13.91 -0.11
CA ASP A 355 -17.12 -12.48 0.04
C ASP A 355 -15.83 -11.79 -0.36
N PRO A 356 -15.83 -10.95 -1.41
CA PRO A 356 -14.55 -10.33 -1.85
C PRO A 356 -13.91 -9.44 -0.80
N ASP A 357 -14.70 -8.70 -0.03
CA ASP A 357 -14.12 -7.84 0.99
C ASP A 357 -13.43 -8.66 2.07
N VAL A 358 -14.04 -9.77 2.47
CA VAL A 358 -13.47 -10.60 3.54
C VAL A 358 -12.13 -11.16 3.12
N LEU A 359 -12.10 -11.82 1.96
CA LEU A 359 -10.87 -12.43 1.45
C LEU A 359 -9.81 -11.40 1.06
N THR A 360 -10.12 -10.11 1.11
CA THR A 360 -9.16 -9.06 0.81
C THR A 360 -9.17 -7.97 1.90
N PRO B 16 -21.46 14.08 24.38
CA PRO B 16 -21.81 13.47 25.67
C PRO B 16 -20.60 13.33 26.60
N LEU B 17 -20.64 14.01 27.77
CA LEU B 17 -19.49 14.08 28.67
C LEU B 17 -19.76 13.28 29.95
N THR B 18 -19.12 12.12 30.05
CA THR B 18 -18.91 11.45 31.34
C THR B 18 -17.86 12.27 32.08
N PRO B 19 -18.09 12.67 33.33
CA PRO B 19 -17.31 13.81 33.85
C PRO B 19 -15.84 13.48 34.07
N LYS B 20 -15.58 12.20 34.34
CA LYS B 20 -14.25 11.60 34.32
C LYS B 20 -13.97 10.82 33.03
N PHE B 21 -14.91 10.82 32.04
CA PHE B 21 -14.45 10.72 30.64
C PHE B 21 -13.88 12.05 30.18
N LEU B 22 -13.73 12.98 31.11
CA LEU B 22 -12.87 14.14 30.91
C LEU B 22 -11.55 14.04 31.68
N ASN B 23 -11.55 13.41 32.85
CA ASN B 23 -10.30 13.18 33.56
C ASN B 23 -9.37 12.25 32.77
N ILE B 24 -9.94 11.27 32.06
CA ILE B 24 -9.11 10.48 31.15
C ILE B 24 -8.44 11.39 30.14
N LEU B 25 -9.18 12.36 29.59
CA LEU B 25 -8.63 13.18 28.52
C LEU B 25 -7.56 14.11 29.07
N ASP B 26 -7.72 14.56 30.30
CA ASP B 26 -6.79 15.55 30.84
C ASP B 26 -5.40 14.96 30.97
N GLN B 27 -5.18 14.09 31.95
CA GLN B 27 -3.79 13.67 32.16
C GLN B 27 -3.26 12.76 31.06
N VAL B 28 -4.10 12.32 30.11
CA VAL B 28 -3.54 11.71 28.91
C VAL B 28 -2.88 12.77 28.04
N CYS B 29 -3.30 14.03 28.17
CA CYS B 29 -2.60 15.13 27.51
C CYS B 29 -1.41 15.60 28.34
N ILE B 30 -1.56 15.61 29.67
CA ILE B 30 -0.42 15.93 30.52
C ILE B 30 0.66 14.87 30.41
N GLN B 31 0.25 13.61 30.20
CA GLN B 31 1.25 12.56 30.02
C GLN B 31 2.04 12.79 28.74
N CYS B 32 1.42 13.39 27.72
CA CYS B 32 2.17 13.78 26.53
C CYS B 32 3.35 14.67 26.91
N TYR B 33 3.13 15.61 27.81
CA TYR B 33 4.22 16.43 28.31
C TYR B 33 5.25 15.57 29.04
N LYS B 34 4.81 14.85 30.08
CA LYS B 34 5.78 14.16 30.92
C LYS B 34 6.49 13.02 30.19
N ASP B 35 5.86 12.44 29.16
CA ASP B 35 6.51 11.39 28.39
C ASP B 35 7.43 11.91 27.30
N PHE B 36 7.34 13.21 26.95
CA PHE B 36 8.09 13.74 25.82
C PHE B 36 8.79 15.06 26.11
N SER B 37 8.67 15.60 27.32
CA SER B 37 9.46 16.80 27.58
C SER B 37 10.93 16.43 27.78
N PRO B 38 11.85 17.26 27.29
CA PRO B 38 13.27 16.98 27.53
C PRO B 38 13.59 17.07 29.02
N THR B 39 14.44 16.16 29.48
CA THR B 39 15.04 16.35 30.79
C THR B 39 16.12 17.43 30.70
N ILE B 40 16.59 17.89 31.86
CA ILE B 40 17.61 18.93 31.83
C ILE B 40 18.94 18.37 31.35
N ILE B 41 19.18 17.07 31.51
CA ILE B 41 20.35 16.43 30.92
C ILE B 41 20.25 16.47 29.38
N GLU B 42 19.08 16.14 28.85
CA GLU B 42 18.88 16.17 27.40
C GLU B 42 19.01 17.58 26.84
N ASP B 43 18.50 18.58 27.57
CA ASP B 43 18.65 19.97 27.11
C ASP B 43 20.13 20.39 27.11
N GLN B 44 20.89 19.92 28.10
CA GLN B 44 22.32 20.20 28.10
C GLN B 44 23.05 19.45 26.99
N ALA B 45 22.52 18.30 26.57
CA ALA B 45 23.12 17.61 25.42
C ALA B 45 22.94 18.40 24.14
N ARG B 46 21.74 18.95 23.92
CA ARG B 46 21.53 19.80 22.76
C ARG B 46 22.47 20.99 22.78
N GLU B 47 22.64 21.60 23.96
CA GLU B 47 23.58 22.70 24.09
C GLU B 47 25.00 22.24 23.83
N HIS B 48 25.37 21.07 24.32
CA HIS B 48 26.73 20.60 24.08
C HIS B 48 26.96 20.35 22.59
N ILE B 49 25.95 19.83 21.89
CA ILE B 49 26.08 19.63 20.45
C ILE B 49 26.24 20.96 19.73
N ARG B 50 25.55 22.00 20.19
CA ARG B 50 25.65 23.30 19.55
C ARG B 50 27.04 23.89 19.70
N GLN B 51 27.61 23.82 20.92
CA GLN B 51 28.96 24.32 21.15
C GLN B 51 30.00 23.53 20.37
N ASN B 52 29.84 22.21 20.34
CA ASN B 52 30.78 21.37 19.58
C ASN B 52 30.71 21.69 18.10
N LEU B 53 29.49 21.86 17.55
CA LEU B 53 29.37 22.25 16.16
C LEU B 53 29.98 23.63 15.93
N GLU B 54 29.71 24.58 16.83
CA GLU B 54 30.18 25.94 16.64
C GLU B 54 31.71 26.01 16.63
N SER B 55 32.36 25.35 17.61
CA SER B 55 33.82 25.28 17.61
C SER B 55 34.35 24.66 16.33
N PHE B 56 33.70 23.60 15.84
CA PHE B 56 34.21 22.88 14.68
C PHE B 56 34.03 23.71 13.41
N ILE B 57 32.89 24.35 13.26
CA ILE B 57 32.64 25.13 12.06
C ILE B 57 33.50 26.39 12.03
N ARG B 58 33.69 27.03 13.19
CA ARG B 58 34.39 28.31 13.20
C ARG B 58 35.87 28.19 12.86
N GLN B 59 36.45 26.98 12.94
CA GLN B 59 37.83 26.82 12.48
C GLN B 59 37.96 27.13 11.00
N ASP B 60 36.89 26.89 10.23
CA ASP B 60 36.85 27.26 8.83
C ASP B 60 36.12 28.56 8.56
N PHE B 61 35.16 28.95 9.41
CA PHE B 61 34.45 30.22 9.30
C PHE B 61 34.64 31.02 10.58
N PRO B 62 35.77 31.72 10.73
CA PRO B 62 36.02 32.42 11.99
C PRO B 62 34.92 33.42 12.31
N GLY B 63 34.52 33.46 13.58
CA GLY B 63 33.44 34.31 14.01
C GLY B 63 32.07 33.69 13.93
N THR B 64 31.98 32.41 13.56
CA THR B 64 30.69 31.72 13.50
C THR B 64 30.01 31.76 14.86
N LYS B 65 28.72 32.09 14.85
CA LYS B 65 27.88 31.97 16.02
C LYS B 65 26.70 31.08 15.66
N LEU B 66 26.43 30.09 16.49
CA LEU B 66 25.33 29.17 16.28
C LEU B 66 24.28 29.39 17.36
N SER B 67 23.04 29.59 16.92
CA SER B 67 21.94 29.85 17.84
C SER B 67 20.85 28.83 17.59
N LEU B 68 20.41 28.18 18.66
CA LEU B 68 19.30 27.24 18.55
C LEU B 68 17.99 28.01 18.42
N PHE B 69 17.02 27.41 17.74
CA PHE B 69 15.70 28.00 17.68
C PHE B 69 14.67 26.88 17.57
N GLY B 70 13.42 27.24 17.24
CA GLY B 70 12.41 26.22 17.13
C GLY B 70 12.04 25.63 18.48
N SER B 71 11.70 24.34 18.47
CA SER B 71 11.21 23.70 19.68
C SER B 71 12.28 23.58 20.76
N SER B 72 13.56 23.75 20.41
CA SER B 72 14.59 23.76 21.43
C SER B 72 14.46 24.96 22.35
N LYS B 73 13.91 26.08 21.85
CA LYS B 73 13.84 27.32 22.62
C LYS B 73 12.44 27.90 22.77
N ASN B 74 11.43 27.42 22.04
CA ASN B 74 10.13 28.08 22.02
C ASN B 74 9.19 27.60 23.12
N GLY B 75 9.62 26.65 23.96
CA GLY B 75 8.79 26.16 25.04
C GLY B 75 8.11 24.85 24.75
N PHE B 76 8.21 24.33 23.54
CA PHE B 76 7.54 23.09 23.15
C PHE B 76 8.55 21.99 22.84
N GLY B 77 9.68 21.98 23.56
CA GLY B 77 10.72 21.01 23.38
C GLY B 77 10.25 19.57 23.42
N PHE B 78 10.63 18.79 22.42
CA PHE B 78 10.22 17.41 22.28
C PHE B 78 11.47 16.54 22.23
N LYS B 79 11.45 15.43 22.95
CA LYS B 79 12.62 14.56 22.95
C LYS B 79 12.79 13.91 21.59
N GLN B 80 14.04 13.80 21.15
CA GLN B 80 14.41 13.38 19.79
C GLN B 80 13.96 14.38 18.71
N SER B 81 13.63 15.61 19.10
CA SER B 81 13.35 16.65 18.12
C SER B 81 14.61 17.00 17.34
N ASP B 82 14.40 17.43 16.09
CA ASP B 82 15.53 17.93 15.32
C ASP B 82 16.12 19.15 16.03
N LEU B 83 17.40 19.35 15.82
CA LEU B 83 18.12 20.49 16.37
C LEU B 83 18.11 21.57 15.29
N ASP B 84 17.28 22.59 15.47
CA ASP B 84 17.22 23.71 14.53
C ASP B 84 18.27 24.75 14.94
N VAL B 85 19.21 25.03 14.03
CA VAL B 85 20.36 25.87 14.34
C VAL B 85 20.47 26.99 13.32
N CYS B 86 20.59 28.23 13.77
CA CYS B 86 20.80 29.38 12.90
C CYS B 86 22.27 29.80 12.97
N MET B 87 22.94 29.80 11.82
CA MET B 87 24.33 30.23 11.74
C MET B 87 24.41 31.67 11.27
N THR B 88 25.12 32.50 12.03
CA THR B 88 25.52 33.82 11.62
C THR B 88 27.01 33.96 11.85
N ILE B 89 27.60 35.01 11.29
CA ILE B 89 29.00 35.33 11.49
C ILE B 89 29.07 36.66 12.22
N ASN B 90 29.81 36.68 13.33
CA ASN B 90 29.93 37.90 14.14
C ASN B 90 30.52 39.03 13.32
N GLY B 91 29.79 40.14 13.27
CA GLY B 91 30.17 41.26 12.43
C GLY B 91 29.37 41.31 11.14
N LEU B 92 28.10 40.93 11.20
CA LEU B 92 27.25 40.89 10.01
C LEU B 92 25.74 40.91 10.35
N GLY B 97 24.14 40.17 2.29
CA GLY B 97 24.43 39.94 0.89
C GLY B 97 25.45 38.85 0.62
N LEU B 98 25.34 37.75 1.36
CA LEU B 98 26.26 36.62 1.24
C LEU B 98 25.80 35.68 0.12
N ASP B 99 26.69 34.75 -0.25
CA ASP B 99 26.36 33.72 -1.25
C ASP B 99 25.85 32.51 -0.48
N CYS B 100 24.53 32.37 -0.39
CA CYS B 100 23.97 31.38 0.53
C CYS B 100 24.11 29.96 0.01
N VAL B 101 23.99 29.74 -1.30
CA VAL B 101 24.06 28.38 -1.84
C VAL B 101 25.47 27.83 -1.74
N ARG B 102 26.47 28.65 -2.09
CA ARG B 102 27.84 28.21 -1.97
C ARG B 102 28.27 28.06 -0.51
N THR B 103 27.86 28.99 0.36
CA THR B 103 28.20 28.89 1.77
C THR B 103 27.66 27.60 2.38
N ILE B 104 26.43 27.25 2.04
CA ILE B 104 25.84 25.99 2.50
C ILE B 104 26.67 24.80 2.03
N GLU B 105 27.07 24.81 0.75
CA GLU B 105 27.80 23.67 0.22
C GLU B 105 29.24 23.64 0.73
N GLU B 106 29.80 24.79 1.06
CA GLU B 106 31.07 24.80 1.76
C GLU B 106 30.92 24.30 3.19
N LEU B 107 29.83 24.70 3.84
CA LEU B 107 29.56 24.25 5.20
C LEU B 107 29.38 22.73 5.23
N ALA B 108 28.79 22.16 4.19
CA ALA B 108 28.55 20.73 4.19
C ALA B 108 29.86 19.94 4.12
N ARG B 109 30.79 20.40 3.28
CA ARG B 109 32.05 19.66 3.15
C ARG B 109 32.92 19.84 4.39
N VAL B 110 32.82 20.99 5.07
CA VAL B 110 33.48 21.16 6.35
C VAL B 110 32.98 20.11 7.34
N LEU B 111 31.65 19.97 7.44
CA LEU B 111 31.06 19.06 8.42
C LEU B 111 31.39 17.60 8.13
N ARG B 112 31.61 17.25 6.85
CA ARG B 112 32.00 15.88 6.54
C ARG B 112 33.32 15.50 7.22
N LYS B 113 34.12 16.48 7.62
CA LYS B 113 35.35 16.23 8.36
C LYS B 113 35.10 15.92 9.83
N HIS B 114 33.88 16.10 10.33
CA HIS B 114 33.56 15.81 11.72
C HIS B 114 33.27 14.31 11.86
N SER B 115 34.13 13.61 12.60
CA SER B 115 34.00 12.16 12.71
C SER B 115 32.73 11.73 13.44
N GLY B 116 32.13 12.60 14.25
CA GLY B 116 30.93 12.30 14.99
C GLY B 116 29.62 12.57 14.27
N LEU B 117 29.67 12.95 12.99
CA LEU B 117 28.47 13.27 12.23
C LEU B 117 28.34 12.32 11.05
N ARG B 118 27.13 12.25 10.51
CA ARG B 118 26.82 11.27 9.49
C ARG B 118 25.73 11.84 8.58
N ASN B 119 25.79 11.46 7.30
CA ASN B 119 24.78 11.84 6.30
C ASN B 119 24.72 13.36 6.10
N ILE B 120 25.88 13.98 5.91
CA ILE B 120 25.90 15.39 5.56
C ILE B 120 25.21 15.57 4.22
N LEU B 121 24.25 16.50 4.17
CA LEU B 121 23.37 16.64 3.01
C LEU B 121 23.01 18.11 2.85
N PRO B 122 23.73 18.84 1.99
CA PRO B 122 23.37 20.24 1.72
C PRO B 122 22.18 20.30 0.79
N ILE B 123 21.20 21.11 1.16
CA ILE B 123 19.99 21.29 0.36
C ILE B 123 19.88 22.78 0.10
N THR B 124 20.36 23.20 -1.07
CA THR B 124 20.44 24.58 -1.49
C THR B 124 19.20 25.04 -2.24
N THR B 125 18.31 24.12 -2.60
CA THR B 125 17.13 24.43 -3.40
C THR B 125 15.97 24.95 -2.57
N ALA B 126 15.87 24.51 -1.31
CA ALA B 126 14.73 24.86 -0.47
C ALA B 126 14.57 26.38 -0.38
N LYS B 127 13.34 26.84 -0.15
CA LYS B 127 13.16 28.25 0.18
C LYS B 127 14.01 28.68 1.35
N VAL B 128 14.28 27.77 2.27
CA VAL B 128 15.19 28.07 3.37
C VAL B 128 16.33 27.07 3.25
N PRO B 129 17.44 27.45 2.63
CA PRO B 129 18.56 26.52 2.47
C PRO B 129 19.09 26.05 3.82
N ILE B 130 19.38 24.75 3.91
CA ILE B 130 19.88 24.15 5.15
C ILE B 130 20.97 23.13 4.83
N VAL B 131 21.77 22.83 5.87
CA VAL B 131 22.65 21.68 5.89
C VAL B 131 22.05 20.70 6.89
N LYS B 132 21.77 19.49 6.42
CA LYS B 132 21.07 18.47 7.17
C LYS B 132 22.05 17.34 7.45
N PHE B 133 22.09 16.87 8.69
CA PHE B 133 22.94 15.77 9.07
C PHE B 133 22.45 15.21 10.40
N PHE B 134 23.11 14.13 10.84
CA PHE B 134 22.86 13.38 12.06
C PHE B 134 24.04 13.54 13.01
N HIS B 135 23.77 13.61 14.31
CA HIS B 135 24.80 13.40 15.32
C HIS B 135 24.77 11.93 15.77
N LEU B 136 25.86 11.20 15.50
CA LEU B 136 25.91 9.75 15.70
C LEU B 136 25.43 9.33 17.09
N ARG B 137 26.09 9.83 18.14
CA ARG B 137 25.85 9.31 19.48
C ARG B 137 24.43 9.62 19.96
N SER B 138 23.95 10.84 19.73
CA SER B 138 22.62 11.22 20.21
C SER B 138 21.49 10.75 19.32
N GLY B 139 21.77 10.44 18.04
CA GLY B 139 20.73 10.16 17.08
C GLY B 139 20.00 11.37 16.53
N LEU B 140 20.23 12.57 17.07
CA LEU B 140 19.50 13.74 16.62
C LEU B 140 19.93 14.19 15.24
N GLU B 141 18.95 14.70 14.47
CA GLU B 141 19.25 15.49 13.28
C GLU B 141 19.43 16.96 13.62
N VAL B 142 20.39 17.57 12.94
CA VAL B 142 20.67 18.98 13.05
C VAL B 142 20.41 19.59 11.69
N ASP B 143 19.60 20.65 11.66
CA ASP B 143 19.41 21.43 10.44
C ASP B 143 20.03 22.79 10.69
N ILE B 144 20.97 23.20 9.83
CA ILE B 144 21.66 24.47 9.99
C ILE B 144 21.26 25.39 8.85
N SER B 145 20.72 26.55 9.18
CA SER B 145 20.38 27.59 8.22
C SER B 145 21.18 28.85 8.50
N LEU B 146 21.29 29.70 7.48
CA LEU B 146 22.11 30.91 7.54
C LEU B 146 21.21 32.14 7.71
N TYR B 147 21.46 32.91 8.76
CA TYR B 147 20.77 34.19 9.00
C TYR B 147 19.26 34.02 8.93
N ASN B 148 18.76 32.98 9.60
CA ASN B 148 17.34 32.69 9.67
C ASN B 148 16.69 33.55 10.75
N THR B 149 16.75 34.86 10.54
CA THR B 149 16.33 35.81 11.57
C THR B 149 14.84 35.67 11.89
N LEU B 150 14.00 35.45 10.87
CA LEU B 150 12.57 35.33 11.14
C LEU B 150 12.27 34.14 12.04
N ALA B 151 12.98 33.02 11.83
CA ALA B 151 12.75 31.87 12.69
C ALA B 151 13.10 32.17 14.15
N LEU B 152 14.12 32.99 14.39
CA LEU B 152 14.41 33.38 15.78
C LEU B 152 13.27 34.19 16.39
N HIS B 153 12.65 35.07 15.61
CA HIS B 153 11.56 35.89 16.14
C HIS B 153 10.28 35.09 16.37
N ASN B 154 9.91 34.17 15.47
CA ASN B 154 8.71 33.38 15.74
C ASN B 154 8.95 32.33 16.80
N THR B 155 10.22 31.98 17.08
CA THR B 155 10.53 31.22 18.28
C THR B 155 10.16 32.02 19.54
N ARG B 156 10.45 33.32 19.55
CA ARG B 156 10.08 34.12 20.72
C ARG B 156 8.56 34.27 20.84
N LEU B 157 7.87 34.43 19.71
CA LEU B 157 6.42 34.58 19.72
C LEU B 157 5.75 33.37 20.37
N LEU B 158 6.12 32.18 19.91
CA LEU B 158 5.59 30.95 20.48
C LEU B 158 5.97 30.80 21.95
N SER B 159 7.23 31.11 22.27
CA SER B 159 7.65 31.17 23.66
C SER B 159 6.75 32.08 24.49
N ALA B 160 6.45 33.28 23.98
CA ALA B 160 5.58 34.19 24.73
C ALA B 160 4.16 33.65 24.85
N TYR B 161 3.69 32.84 23.88
CA TYR B 161 2.32 32.33 23.98
C TYR B 161 2.21 31.26 25.06
N SER B 162 3.18 30.36 25.17
CA SER B 162 3.10 29.34 26.22
C SER B 162 3.26 29.97 27.60
N ALA B 163 3.92 31.13 27.69
CA ALA B 163 4.04 31.81 28.98
C ALA B 163 2.73 32.47 29.41
N ILE B 164 1.81 32.71 28.46
CA ILE B 164 0.54 33.32 28.80
C ILE B 164 -0.30 32.39 29.67
N ASP B 165 -0.31 31.10 29.34
CA ASP B 165 -1.23 30.20 29.98
C ASP B 165 -0.63 28.80 30.01
N PRO B 166 -0.63 28.14 31.18
CA PRO B 166 -0.10 26.77 31.26
C PRO B 166 -0.65 25.82 30.20
N ARG B 167 -1.94 25.95 29.85
CA ARG B 167 -2.58 24.97 28.97
C ARG B 167 -2.05 25.01 27.55
N VAL B 168 -1.40 26.11 27.15
CA VAL B 168 -0.91 26.23 25.77
C VAL B 168 0.08 25.12 25.45
N LYS B 169 1.08 24.90 26.31
CA LYS B 169 2.10 23.92 25.96
C LYS B 169 1.56 22.49 26.00
N TYR B 170 0.64 22.19 26.93
CA TYR B 170 0.16 20.82 27.02
C TYR B 170 -0.66 20.41 25.79
N LEU B 171 -1.39 21.36 25.20
CA LEU B 171 -2.03 21.11 23.91
C LEU B 171 -0.99 20.84 22.83
N CYS B 172 -0.01 21.73 22.71
CA CYS B 172 1.01 21.59 21.66
C CYS B 172 1.73 20.25 21.79
N TYR B 173 2.06 19.83 23.01
CA TYR B 173 2.64 18.50 23.19
C TYR B 173 1.70 17.42 22.71
N THR B 174 0.41 17.52 23.08
CA THR B 174 -0.57 16.55 22.60
C THR B 174 -0.66 16.55 21.08
N MET B 175 -0.72 17.74 20.48
CA MET B 175 -0.75 17.83 19.02
C MET B 175 0.47 17.19 18.39
N LYS B 176 1.65 17.44 18.98
CA LYS B 176 2.88 16.85 18.45
C LYS B 176 2.84 15.33 18.51
N VAL B 177 2.37 14.78 19.63
CA VAL B 177 2.23 13.33 19.74
C VAL B 177 1.25 12.81 18.70
N PHE B 178 0.06 13.41 18.64
CA PHE B 178 -0.98 13.01 17.70
C PHE B 178 -0.46 12.95 16.27
N THR B 179 0.12 14.06 15.78
CA THR B 179 0.60 14.10 14.40
C THR B 179 1.76 13.13 14.18
N LYS B 180 2.67 13.03 15.16
CA LYS B 180 3.75 12.04 15.05
C LYS B 180 3.20 10.62 14.97
N MET B 181 2.20 10.30 15.81
CA MET B 181 1.61 8.97 15.75
C MET B 181 0.84 8.75 14.46
N CYS B 182 0.27 9.80 13.88
CA CYS B 182 -0.45 9.67 12.62
C CYS B 182 0.47 9.72 11.41
N ASP B 183 1.77 9.91 11.61
CA ASP B 183 2.76 9.99 10.52
C ASP B 183 2.42 11.12 9.55
N ILE B 184 1.87 12.22 10.05
CA ILE B 184 1.47 13.32 9.19
C ILE B 184 2.30 14.56 9.51
N GLY B 185 3.54 14.36 9.93
CA GLY B 185 4.31 15.49 10.41
C GLY B 185 5.55 15.87 9.60
N ASP B 186 5.64 15.44 8.35
CA ASP B 186 6.82 15.69 7.52
C ASP B 186 6.44 16.59 6.35
N ALA B 187 6.82 17.87 6.43
CA ALA B 187 6.53 18.79 5.34
C ALA B 187 7.38 18.48 4.11
N SER B 188 8.55 17.87 4.30
CA SER B 188 9.36 17.51 3.14
C SER B 188 8.76 16.37 2.35
N ARG B 189 7.68 15.76 2.83
CA ARG B 189 7.03 14.68 2.11
C ARG B 189 5.56 14.98 1.87
N GLY B 190 5.21 16.26 1.74
CA GLY B 190 3.89 16.62 1.33
C GLY B 190 2.89 16.72 2.46
N SER B 191 3.34 16.63 3.70
CA SER B 191 2.49 16.85 4.84
C SER B 191 2.81 18.24 5.41
N LEU B 192 2.60 18.42 6.72
CA LEU B 192 2.80 19.69 7.40
C LEU B 192 3.83 19.55 8.51
N SER B 193 4.57 20.63 8.75
CA SER B 193 5.58 20.64 9.78
C SER B 193 4.94 20.82 11.16
N SER B 194 5.66 20.37 12.20
CA SER B 194 5.23 20.60 13.57
C SER B 194 4.98 22.08 13.84
N TYR B 195 5.81 22.96 13.26
CA TYR B 195 5.56 24.38 13.35
C TYR B 195 4.16 24.74 12.86
N ALA B 196 3.74 24.19 11.71
CA ALA B 196 2.40 24.48 11.21
C ALA B 196 1.33 23.98 12.17
N TYR B 197 1.50 22.76 12.71
CA TYR B 197 0.50 22.22 13.62
C TYR B 197 0.46 23.03 14.91
N THR B 198 1.61 23.54 15.35
CA THR B 198 1.61 24.45 16.49
C THR B 198 0.83 25.73 16.17
N LEU B 199 1.02 26.27 14.96
CA LEU B 199 0.22 27.42 14.56
C LEU B 199 -1.26 27.10 14.63
N MET B 200 -1.66 25.90 14.18
CA MET B 200 -3.06 25.52 14.24
C MET B 200 -3.57 25.51 15.67
N VAL B 201 -2.77 24.98 16.60
CA VAL B 201 -3.13 24.99 18.01
C VAL B 201 -3.31 26.42 18.51
N LEU B 202 -2.32 27.27 18.24
CA LEU B 202 -2.43 28.66 18.65
C LEU B 202 -3.65 29.33 18.05
N TYR B 203 -3.88 29.13 16.75
CA TYR B 203 -5.02 29.75 16.08
C TYR B 203 -6.33 29.34 16.75
N PHE B 204 -6.48 28.04 17.04
CA PHE B 204 -7.69 27.57 17.71
C PHE B 204 -7.79 28.16 19.12
N LEU B 205 -6.67 28.40 19.78
CA LEU B 205 -6.72 28.93 21.13
C LEU B 205 -7.14 30.40 21.15
N GLN B 206 -6.88 31.13 20.06
CA GLN B 206 -7.33 32.52 20.00
C GLN B 206 -8.74 32.65 19.48
N GLN B 207 -9.20 31.70 18.66
CA GLN B 207 -10.51 31.75 18.05
C GLN B 207 -11.57 31.06 18.88
N ARG B 208 -11.18 30.42 19.97
CA ARG B 208 -12.11 29.80 20.88
C ARG B 208 -12.83 30.86 21.71
N ASN B 209 -14.02 30.51 22.20
CA ASN B 209 -14.83 31.48 22.93
C ASN B 209 -15.29 30.99 24.32
N PRO B 210 -14.79 31.64 25.39
CA PRO B 210 -13.82 32.74 25.36
C PRO B 210 -12.39 32.26 25.09
N PRO B 211 -11.55 33.14 24.53
CA PRO B 211 -10.22 32.69 24.07
C PRO B 211 -9.27 32.37 25.21
N VAL B 212 -8.37 31.43 24.94
CA VAL B 212 -7.33 31.10 25.91
C VAL B 212 -6.18 32.10 25.80
N ILE B 213 -5.86 32.54 24.59
CA ILE B 213 -4.74 33.45 24.37
C ILE B 213 -5.18 34.62 23.49
N PRO B 214 -4.55 35.78 23.62
CA PRO B 214 -4.92 36.90 22.76
C PRO B 214 -4.21 36.83 21.42
N VAL B 215 -4.21 37.94 20.69
CA VAL B 215 -3.44 38.10 19.46
C VAL B 215 -2.39 39.17 19.75
N LEU B 216 -1.18 38.73 20.07
CA LEU B 216 -0.19 39.64 20.63
C LEU B 216 0.34 40.62 19.61
N GLN B 217 0.31 40.26 18.34
CA GLN B 217 0.71 41.20 17.31
C GLN B 217 -0.34 42.30 17.09
N GLU B 218 -1.41 42.33 17.89
CA GLU B 218 -2.44 43.36 17.79
C GLU B 218 -2.61 44.15 19.09
N ILE B 219 -1.68 44.03 20.04
CA ILE B 219 -1.78 44.74 21.31
C ILE B 219 -0.59 45.68 21.44
N TYR B 220 -0.85 46.90 21.90
CA TYR B 220 0.17 47.94 21.99
C TYR B 220 -0.33 49.12 22.84
N LYS B 224 -0.38 54.32 18.01
CA LYS B 224 -0.41 53.36 16.92
C LYS B 224 0.53 52.17 17.13
N LYS B 225 0.34 51.12 16.33
CA LYS B 225 1.02 49.84 16.54
C LYS B 225 2.43 49.90 15.96
N PRO B 226 3.44 49.41 16.69
CA PRO B 226 4.82 49.57 16.25
C PRO B 226 5.11 48.84 14.95
N GLU B 227 6.19 49.26 14.30
CA GLU B 227 6.64 48.66 13.05
C GLU B 227 8.15 48.45 13.16
N ILE B 228 8.54 47.19 13.31
CA ILE B 228 9.93 46.75 13.43
C ILE B 228 10.13 45.71 12.35
N PHE B 229 10.99 46.02 11.36
CA PHE B 229 11.08 45.24 10.14
C PHE B 229 12.30 44.32 10.16
N VAL B 230 12.07 43.03 9.92
CA VAL B 230 13.10 42.05 9.61
C VAL B 230 12.75 41.42 8.27
N ASP B 231 13.68 41.45 7.32
CA ASP B 231 13.48 40.86 5.99
C ASP B 231 12.19 41.35 5.35
N GLY B 232 11.90 42.64 5.54
CA GLY B 232 10.72 43.26 4.97
C GLY B 232 9.44 43.11 5.76
N TRP B 233 9.43 42.29 6.80
CA TRP B 233 8.20 42.00 7.53
C TRP B 233 8.24 42.62 8.92
N ASN B 234 7.07 43.06 9.39
CA ASN B 234 6.96 43.59 10.75
C ASN B 234 6.92 42.43 11.73
N ILE B 235 7.89 42.39 12.66
CA ILE B 235 7.98 41.33 13.64
C ILE B 235 7.53 41.79 15.03
N TYR B 236 6.93 42.97 15.13
CA TYR B 236 6.44 43.42 16.43
C TYR B 236 5.40 42.47 16.98
N PHE B 237 5.41 42.30 18.30
CA PHE B 237 4.31 41.69 19.02
C PHE B 237 4.42 42.09 20.48
N PHE B 238 3.28 42.11 21.16
CA PHE B 238 3.24 42.38 22.59
C PHE B 238 3.92 41.26 23.36
N ASP B 239 5.22 41.40 23.61
CA ASP B 239 6.03 40.30 24.15
C ASP B 239 5.88 40.14 25.65
N GLN B 240 5.11 41.01 26.27
CA GLN B 240 5.04 41.18 27.70
C GLN B 240 3.79 40.46 28.24
N ILE B 241 3.97 39.61 29.26
CA ILE B 241 2.94 38.71 29.76
C ILE B 241 2.40 39.14 31.14
N ASP B 242 3.22 39.82 31.95
CA ASP B 242 2.80 40.46 33.20
C ASP B 242 1.61 41.41 33.01
N GLU B 243 1.58 42.17 31.89
CA GLU B 243 0.68 43.31 31.74
C GLU B 243 -0.56 43.01 30.92
N LEU B 244 -0.64 41.80 30.37
CA LEU B 244 -1.86 41.34 29.75
C LEU B 244 -3.11 41.61 30.59
N PRO B 245 -3.14 41.50 31.93
CA PRO B 245 -4.38 41.85 32.61
C PRO B 245 -4.91 43.21 32.26
N THR B 246 -4.05 44.16 31.91
CA THR B 246 -4.46 45.54 31.69
C THR B 246 -4.68 45.89 30.22
N TYR B 247 -4.23 45.02 29.30
CA TYR B 247 -4.38 45.24 27.88
C TYR B 247 -5.25 44.21 27.18
N TRP B 248 -5.58 43.10 27.83
CA TRP B 248 -6.38 42.04 27.23
C TRP B 248 -7.73 41.98 27.94
N SER B 249 -8.81 42.22 27.19
CA SER B 249 -10.14 42.36 27.79
C SER B 249 -10.57 41.06 28.48
N GLU B 250 -10.47 39.94 27.77
CA GLU B 250 -10.94 38.64 28.27
C GLU B 250 -9.81 37.84 28.89
N CYS B 251 -8.94 38.51 29.64
CA CYS B 251 -7.84 37.85 30.32
C CYS B 251 -8.36 36.86 31.36
N GLY B 252 -7.86 35.63 31.29
CA GLY B 252 -8.23 34.60 32.27
C GLY B 252 -9.72 34.36 32.36
N LYS B 253 -10.46 34.50 31.26
CA LYS B 253 -11.90 34.28 31.27
C LYS B 253 -12.32 32.90 30.79
N ASN B 254 -11.44 32.15 30.10
CA ASN B 254 -11.73 30.77 29.71
C ASN B 254 -11.21 29.83 30.79
N THR B 255 -12.08 28.92 31.22
CA THR B 255 -11.84 28.09 32.41
C THR B 255 -11.71 26.61 32.08
N GLU B 256 -11.64 26.25 30.79
CA GLU B 256 -11.71 24.85 30.40
C GLU B 256 -10.41 24.12 30.70
N SER B 257 -10.52 22.80 30.90
CA SER B 257 -9.37 21.96 31.19
C SER B 257 -8.61 21.61 29.91
N VAL B 258 -7.44 21.01 30.10
CA VAL B 258 -6.57 20.68 28.96
C VAL B 258 -7.26 19.67 28.05
N GLY B 259 -7.81 18.59 28.64
CA GLY B 259 -8.48 17.59 27.85
C GLY B 259 -9.76 18.09 27.22
N GLN B 260 -10.42 19.03 27.88
CA GLN B 260 -11.60 19.65 27.28
C GLN B 260 -11.21 20.44 26.04
N LEU B 261 -10.05 21.09 26.07
CA LEU B 261 -9.60 21.87 24.93
C LEU B 261 -9.08 20.99 23.80
N TRP B 262 -8.49 19.84 24.12
CA TRP B 262 -7.93 18.98 23.08
C TRP B 262 -9.04 18.43 22.18
N LEU B 263 -10.15 17.97 22.76
CA LEU B 263 -11.27 17.55 21.94
C LEU B 263 -11.89 18.74 21.22
N GLY B 264 -11.90 19.91 21.87
CA GLY B 264 -12.43 21.10 21.23
C GLY B 264 -11.65 21.48 19.97
N LEU B 265 -10.34 21.22 19.98
CA LEU B 265 -9.54 21.48 18.79
C LEU B 265 -9.94 20.57 17.65
N LEU B 266 -10.09 19.26 17.93
CA LEU B 266 -10.49 18.33 16.89
C LEU B 266 -11.90 18.63 16.39
N ARG B 267 -12.82 18.92 17.31
CA ARG B 267 -14.16 19.34 16.89
C ARG B 267 -14.09 20.58 16.03
N PHE B 268 -13.17 21.49 16.37
CA PHE B 268 -13.04 22.74 15.62
C PHE B 268 -12.64 22.46 14.18
N TYR B 269 -11.55 21.74 13.98
CA TYR B 269 -11.01 21.50 12.65
C TYR B 269 -11.71 20.35 11.91
N THR B 270 -12.76 19.76 12.47
CA THR B 270 -13.50 18.74 11.74
C THR B 270 -14.86 19.21 11.25
N GLU B 271 -15.43 20.25 11.86
CA GLU B 271 -16.77 20.70 11.48
C GLU B 271 -16.88 22.22 11.46
N GLU B 272 -16.19 22.91 12.36
CA GLU B 272 -16.37 24.35 12.46
C GLU B 272 -15.51 25.11 11.47
N PHE B 273 -14.23 24.78 11.38
CA PHE B 273 -13.33 25.55 10.53
C PHE B 273 -13.58 25.24 9.06
N ASP B 274 -13.57 26.29 8.25
CA ASP B 274 -13.76 26.19 6.80
C ASP B 274 -12.38 26.24 6.14
N PHE B 275 -11.87 25.06 5.76
CA PHE B 275 -10.54 24.97 5.17
C PHE B 275 -10.48 25.61 3.79
N LYS B 276 -11.56 25.49 3.01
CA LYS B 276 -11.51 25.94 1.62
C LYS B 276 -11.58 27.45 1.49
N GLU B 277 -11.97 28.17 2.53
CA GLU B 277 -12.11 29.61 2.43
C GLU B 277 -11.47 30.42 3.55
N HIS B 278 -10.98 29.79 4.63
CA HIS B 278 -10.36 30.50 5.73
C HIS B 278 -8.90 30.09 5.87
N VAL B 279 -8.06 31.05 6.26
CA VAL B 279 -6.64 30.85 6.45
C VAL B 279 -6.34 30.83 7.94
N ILE B 280 -5.65 29.79 8.39
CA ILE B 280 -5.19 29.70 9.77
C ILE B 280 -4.13 30.78 9.99
N SER B 281 -4.45 31.78 10.81
CA SER B 281 -3.65 33.01 10.90
C SER B 281 -3.64 33.48 12.35
N ILE B 282 -2.50 33.33 13.03
CA ILE B 282 -2.41 33.70 14.45
C ILE B 282 -2.10 35.17 14.66
N ARG B 283 -1.96 35.96 13.60
CA ARG B 283 -1.61 37.36 13.71
C ARG B 283 -2.83 38.28 13.68
N ARG B 284 -4.02 37.73 13.39
CA ARG B 284 -5.26 38.47 13.37
C ARG B 284 -6.31 37.73 14.19
N LYS B 285 -7.17 38.49 14.85
CA LYS B 285 -8.31 37.90 15.54
C LYS B 285 -9.46 37.70 14.57
N SER B 286 -9.80 38.73 13.80
CA SER B 286 -10.86 38.59 12.81
C SER B 286 -10.43 37.65 11.69
N LEU B 287 -11.41 36.93 11.16
CA LEU B 287 -11.12 35.83 10.26
C LEU B 287 -10.55 36.33 8.93
N LEU B 288 -9.60 35.58 8.39
CA LEU B 288 -8.93 35.93 7.14
C LEU B 288 -9.21 34.87 6.09
N THR B 289 -9.64 35.31 4.91
CA THR B 289 -10.08 34.39 3.87
C THR B 289 -8.97 34.08 2.87
N THR B 290 -9.11 32.90 2.24
CA THR B 290 -8.22 32.56 1.13
C THR B 290 -8.33 33.57 0.00
N PHE B 291 -9.55 34.05 -0.32
CA PHE B 291 -9.72 34.99 -1.41
C PHE B 291 -8.94 36.28 -1.16
N LYS B 292 -8.87 36.71 0.10
CA LYS B 292 -8.13 37.92 0.43
C LYS B 292 -6.65 37.78 0.15
N LYS B 293 -6.09 36.59 0.35
CA LYS B 293 -4.66 36.35 0.14
C LYS B 293 -4.31 35.90 -1.26
N GLN B 294 -5.30 35.62 -2.11
CA GLN B 294 -5.08 34.98 -3.41
C GLN B 294 -4.33 33.65 -3.23
N TRP B 295 -4.92 32.78 -2.39
CA TRP B 295 -4.33 31.52 -1.97
C TRP B 295 -5.36 30.40 -2.08
N THR B 296 -6.00 30.28 -3.24
CA THR B 296 -7.22 29.48 -3.34
C THR B 296 -6.96 28.00 -3.64
N SER B 297 -5.72 27.60 -3.90
CA SER B 297 -5.47 26.19 -4.21
C SER B 297 -5.37 25.34 -2.94
N ILE B 300 -5.36 22.83 2.80
CA ILE B 300 -5.12 23.51 4.06
C ILE B 300 -4.13 24.65 3.88
N VAL B 301 -4.48 25.83 4.37
CA VAL B 301 -3.72 27.04 4.10
C VAL B 301 -3.41 27.69 5.44
N ILE B 302 -2.13 27.94 5.71
CA ILE B 302 -1.66 28.41 7.00
C ILE B 302 -0.65 29.54 6.76
N GLU B 303 -0.90 30.69 7.36
CA GLU B 303 -0.09 31.88 7.15
C GLU B 303 0.93 32.02 8.27
N ASP B 304 2.19 32.25 7.91
CA ASP B 304 3.21 32.48 8.91
C ASP B 304 2.93 33.80 9.63
N PRO B 305 3.09 33.87 10.94
CA PRO B 305 2.73 35.11 11.66
C PRO B 305 3.52 36.33 11.21
N PHE B 306 4.70 36.15 10.63
CA PHE B 306 5.53 37.29 10.23
C PHE B 306 5.70 37.39 8.72
N ASP B 307 6.06 36.29 8.07
CA ASP B 307 6.23 36.23 6.62
C ASP B 307 4.87 35.91 6.01
N LEU B 308 4.12 36.97 5.70
CA LEU B 308 2.76 36.81 5.19
C LEU B 308 2.72 36.19 3.80
N ASN B 309 3.85 36.15 3.09
CA ASN B 309 3.94 35.48 1.80
C ASN B 309 4.11 33.97 1.92
N HIS B 310 4.29 33.45 3.12
CA HIS B 310 4.57 32.04 3.33
C HIS B 310 3.30 31.31 3.75
N ASN B 311 2.77 30.48 2.85
CA ASN B 311 1.71 29.53 3.19
C ASN B 311 2.40 28.22 3.57
N LEU B 312 2.26 27.81 4.84
CA LEU B 312 2.96 26.61 5.31
C LEU B 312 2.37 25.34 4.73
N GLY B 313 1.16 25.42 4.15
CA GLY B 313 0.54 24.34 3.43
C GLY B 313 0.83 24.31 1.94
N ALA B 314 1.66 25.21 1.44
CA ALA B 314 1.85 25.35 0.00
C ALA B 314 2.35 24.07 -0.66
N GLY B 315 3.11 23.25 0.08
CA GLY B 315 3.64 22.00 -0.43
C GLY B 315 2.78 20.77 -0.18
N LEU B 316 1.56 20.95 0.35
CA LEU B 316 0.69 19.83 0.63
C LEU B 316 0.33 19.06 -0.63
N SER B 317 0.26 17.74 -0.50
CA SER B 317 -0.22 16.88 -1.58
C SER B 317 -1.67 16.49 -1.29
N ARG B 318 -2.43 16.31 -2.37
CA ARG B 318 -3.83 15.91 -2.22
C ARG B 318 -3.95 14.63 -1.41
N LYS B 319 -3.08 13.66 -1.67
CA LYS B 319 -3.11 12.40 -0.92
C LYS B 319 -3.01 12.65 0.57
N MET B 320 -2.00 13.39 1.00
CA MET B 320 -1.75 13.57 2.42
C MET B 320 -2.72 14.56 3.06
N THR B 321 -3.27 15.50 2.27
CA THR B 321 -4.29 16.41 2.80
C THR B 321 -5.49 15.64 3.34
N ASN B 322 -5.97 14.65 2.60
CA ASN B 322 -7.08 13.85 3.09
C ASN B 322 -6.62 12.79 4.08
N PHE B 323 -5.39 12.29 3.93
CA PHE B 323 -4.78 11.50 5.01
C PHE B 323 -4.81 12.28 6.32
N ILE B 324 -4.52 13.59 6.25
CA ILE B 324 -4.56 14.43 7.44
C ILE B 324 -6.00 14.58 7.94
N MET B 325 -6.93 14.87 7.03
CA MET B 325 -8.32 15.08 7.41
C MET B 325 -8.90 13.84 8.07
N LYS B 326 -8.66 12.66 7.48
CA LYS B 326 -9.14 11.43 8.10
C LYS B 326 -8.51 11.22 9.47
N ALA B 327 -7.23 11.59 9.61
CA ALA B 327 -6.56 11.44 10.90
C ALA B 327 -7.25 12.25 11.98
N PHE B 328 -7.62 13.50 11.67
CA PHE B 328 -8.34 14.30 12.64
C PHE B 328 -9.75 13.77 12.87
N ILE B 329 -10.40 13.27 11.82
CA ILE B 329 -11.77 12.78 11.96
C ILE B 329 -11.82 11.56 12.87
N ASN B 330 -10.83 10.68 12.74
CA ASN B 330 -10.76 9.51 13.61
C ASN B 330 -10.24 9.88 14.99
N GLY B 331 -9.23 10.75 15.05
CA GLY B 331 -8.85 11.32 16.33
C GLY B 331 -10.00 11.98 17.06
N ARG B 332 -11.04 12.39 16.32
CA ARG B 332 -12.13 13.16 16.89
C ARG B 332 -13.14 12.30 17.64
N ARG B 333 -13.17 10.99 17.42
CA ARG B 333 -13.98 10.14 18.27
C ARG B 333 -13.16 9.34 19.29
N VAL B 334 -11.99 8.82 18.92
CA VAL B 334 -11.17 8.16 19.92
C VAL B 334 -10.92 9.09 21.09
N PHE B 335 -10.99 10.40 20.86
CA PHE B 335 -11.00 11.36 21.96
C PHE B 335 -12.41 11.89 22.14
N GLU B 351 -0.75 5.58 25.25
CA GLU B 351 -1.96 5.06 25.90
C GLU B 351 -2.88 4.38 24.88
N TYR B 352 -4.19 4.40 25.15
CA TYR B 352 -5.13 3.76 24.25
C TYR B 352 -5.45 4.64 23.05
N PHE B 353 -5.53 5.96 23.23
CA PHE B 353 -5.97 6.83 22.15
C PHE B 353 -4.87 7.14 21.13
N PHE B 354 -3.65 6.63 21.29
CA PHE B 354 -2.60 7.02 20.36
C PHE B 354 -2.07 5.85 19.54
N ASP B 355 -2.96 5.03 18.98
CA ASP B 355 -2.56 3.97 18.06
C ASP B 355 -3.19 4.24 16.69
N PRO B 356 -2.39 4.32 15.63
CA PRO B 356 -2.80 4.27 14.21
C PRO B 356 -3.66 3.05 13.89
#